data_9K25
#
_entry.id   9K25
#
_cell.length_a   1.00
_cell.length_b   1.00
_cell.length_c   1.00
_cell.angle_alpha   90.00
_cell.angle_beta   90.00
_cell.angle_gamma   90.00
#
_symmetry.space_group_name_H-M   'P 1'
#
loop_
_entity.id
_entity.type
_entity.pdbx_description
1 polymer 'Guanine nucleotide-binding protein G(s) subunit alpha isoforms short'
2 polymer 'Guanine nucleotide-binding protein G(I)/G(S)/G(T) subunit beta-1'
3 polymer 'Guanine nucleotide-binding protein G(I)/G(S)/G(O) subunit gamma-2'
4 polymer 'P2Y purinoceptor 2'
5 polymer 'Nanobody 35'
#
loop_
_entity_poly.entity_id
_entity_poly.type
_entity_poly.pdbx_seq_one_letter_code
_entity_poly.pdbx_strand_id
1 'polypeptide(L)'
;TLSAEDKAAVERSKMIEKQLQKDKQVYRATHRLLLLGADNSGKSTIVKQMRILHGGSGGSGGTSGIFETKFQVDKVNFHM
FDVGGQRDERRKWIQCFNDVTAIIFVVDSSDYNRLQEALNDFKSIWNNRWLRTISVILFLNKQDLLAEKVLAGKSKIEDY
FPEFARYTTPEDATPEPGEDPRVTRAKYFIRDEFLRISTASGDGRHYCYPHFTCAVDTENARRIFNDCKDIILQMNLREY
NLV
;
A
2 'polypeptide(L)'
;MHHHHHHLEVLFQGPGSSGSELDQLRQEAEQLKNQIRDARKACADATLSQITNNIDPVGRIQMRTRRTLRGHLAKIYAMH
WGTDSRLLVSASQDGKLIIWDSYTTNKVHAIPLRSSWVMTCAYAPSGNYVACGGLDNICSIYNLKTREGNVRVSRELAGH
TGYLSCCRFLDDNQIVTSSGDTTCALWDIETGQQTTTFTGHTGDVMSLSLAPDTRLFVSGACDASAKLWDVREGMCRQTF
TGHESDINAICFFPNGNAFATGSDDATCRLFDLRADQELMTYSHDNIICGITSVSFSKSGRLLLAGYDDFNCNVWDALKA
DRAGVLAGHDNRVSCLGVTDDGMAVATGSWDSFLKIWN
;
B
3 'polypeptide(L)' MASNNTASIAQARKLVEQLKMEANIDRIKVSKAAADLMAYCEAHAKEDPLLTPVPASENPFREKKFFCAIL G
4 'polypeptide(L)'
;MKTIIALSYIFCLVFADYKDDDDAMAADLGPWNDTINGTWDGDELGYRCRFNEDFKYVLLPVSYGVVCVLGLCLNAVALY
IFLCRLKTWNASTTYMFHLAVSDALYAASLPLLVYYYARGDHWPFSTVLCKLVRFLFYTNLYCSILFLTCISVHRCLGVL
RPLRSLRWGRARYARRVAGAVWVLVLACQAPVLYFVTTSARGGRVTCHDTSAPELFSRFVAYSSVMLGLLFAVPFAVILV
CYVLMARRLLKPAYGTSGGLPRAKRKSVRTIAVVLAVFALCFLPFHVTRTLYYSFRSLDLSCHTLNAINMAYKVTRPLAS
ANSCLNPVLYFLAGQSLVRFARDAKPPTGPSPATPARRRLGLRRSDRTDMQRIEDVLGSSEDSRRTESTPAGSENTKDIR
LHHHHHHGGSGGLEVLFQGP
;
I
5 'polypeptide(L)'
;QVQLQESGGGLVQPGGSLRLSCAASGFTFSNYKMNWVRQAPGKGLEWVSDISQSGASISYTGSVKGRFTISRDNAKNTLY
LQMNSLKPEDTAVYYCARCPAPFTPFCFDVTSTTYAYRGQGTQVTVSSHHHHHH
;
N
#
# COMPACT_ATOMS: atom_id res chain seq x y z
N LEU A 2 35.44 -2.15 14.78
CA LEU A 2 35.84 -3.46 15.38
C LEU A 2 36.82 -4.22 14.48
N SER A 3 37.16 -3.62 13.35
CA SER A 3 38.12 -4.21 12.41
C SER A 3 38.63 -3.11 11.49
N ALA A 4 39.33 -3.50 10.43
CA ALA A 4 39.79 -2.55 9.43
C ALA A 4 38.76 -2.35 8.34
N GLU A 5 38.29 -3.45 7.73
CA GLU A 5 37.31 -3.34 6.66
C GLU A 5 35.91 -3.06 7.19
N ASP A 6 35.59 -3.51 8.41
CA ASP A 6 34.24 -3.36 8.92
C ASP A 6 33.88 -1.89 9.11
N LYS A 7 34.81 -1.08 9.63
CA LYS A 7 34.51 0.34 9.83
C LYS A 7 34.35 1.06 8.50
N ALA A 8 35.16 0.70 7.51
CA ALA A 8 34.99 1.26 6.17
C ALA A 8 33.63 0.87 5.60
N ALA A 9 33.21 -0.37 5.84
CA ALA A 9 31.90 -0.82 5.38
C ALA A 9 30.78 -0.02 6.04
N VAL A 10 30.90 0.24 7.34
CA VAL A 10 29.89 1.03 8.03
C VAL A 10 29.88 2.46 7.52
N GLU A 11 31.06 3.01 7.21
CA GLU A 11 31.11 4.35 6.63
C GLU A 11 30.42 4.37 5.27
N ARG A 12 30.66 3.34 4.44
CA ARG A 12 29.97 3.24 3.16
C ARG A 12 28.47 3.14 3.35
N SER A 13 28.03 2.35 4.33
CA SER A 13 26.60 2.21 4.59
C SER A 13 25.99 3.55 5.00
N LYS A 14 26.69 4.31 5.86
CA LYS A 14 26.17 5.61 6.26
C LYS A 14 26.12 6.58 5.09
N MET A 15 27.13 6.55 4.22
CA MET A 15 27.09 7.40 3.03
C MET A 15 25.91 7.04 2.14
N ILE A 16 25.68 5.74 1.93
CA ILE A 16 24.55 5.30 1.12
C ILE A 16 23.24 5.74 1.76
N GLU A 17 23.17 5.67 3.09
CA GLU A 17 21.97 6.14 3.78
C GLU A 17 21.77 7.63 3.58
N LYS A 18 22.86 8.40 3.56
CA LYS A 18 22.74 9.84 3.30
C LYS A 18 22.20 10.11 1.90
N GLN A 19 22.73 9.40 0.90
CA GLN A 19 22.21 9.58 -0.46
C GLN A 19 20.75 9.13 -0.53
N LEU A 20 20.40 8.05 0.16
CA LEU A 20 19.02 7.60 0.18
C LEU A 20 18.10 8.65 0.81
N GLN A 21 18.56 9.29 1.89
CA GLN A 21 17.76 10.34 2.53
C GLN A 21 17.58 11.53 1.60
N LYS A 22 18.64 11.92 0.89
CA LYS A 22 18.51 13.01 -0.08
C LYS A 22 17.52 12.66 -1.18
N ASP A 23 17.59 11.42 -1.68
CA ASP A 23 16.65 10.99 -2.70
C ASP A 23 15.22 10.94 -2.17
N LYS A 24 15.04 10.56 -0.91
CA LYS A 24 13.71 10.60 -0.30
C LYS A 24 13.20 12.04 -0.22
N GLN A 25 14.08 12.97 0.14
CA GLN A 25 13.68 14.38 0.22
C GLN A 25 13.25 14.90 -1.14
N VAL A 26 13.99 14.53 -2.20
CA VAL A 26 13.64 15.00 -3.54
C VAL A 26 12.57 14.17 -4.22
N TYR A 27 12.18 13.03 -3.64
CA TYR A 27 11.24 12.11 -4.27
C TYR A 27 9.80 12.40 -3.89
N ARG A 28 9.51 12.54 -2.60
CA ARG A 28 8.15 12.82 -2.17
C ARG A 28 7.64 14.15 -2.70
N ALA A 29 8.54 15.03 -3.14
CA ALA A 29 8.15 16.33 -3.68
C ALA A 29 7.61 16.26 -5.10
N THR A 30 7.83 15.16 -5.81
CA THR A 30 7.36 14.98 -7.17
C THR A 30 6.12 14.10 -7.16
N HIS A 31 5.04 14.59 -7.77
CA HIS A 31 3.77 13.87 -7.82
C HIS A 31 3.69 13.13 -9.14
N ARG A 32 3.97 11.83 -9.11
CA ARG A 32 3.87 11.02 -10.31
C ARG A 32 2.42 10.91 -10.74
N LEU A 33 2.19 10.94 -12.05
CA LEU A 33 0.85 10.91 -12.63
C LEU A 33 0.78 9.83 -13.69
N LEU A 34 -0.33 9.10 -13.72
CA LEU A 34 -0.57 8.06 -14.71
C LEU A 34 -1.60 8.57 -15.71
N LEU A 35 -1.26 8.46 -17.00
CA LEU A 35 -2.12 8.92 -18.06
C LEU A 35 -2.72 7.71 -18.77
N LEU A 36 -4.03 7.57 -18.71
CA LEU A 36 -4.75 6.41 -19.24
C LEU A 36 -5.84 6.90 -20.19
N GLY A 37 -5.63 6.73 -21.48
CA GLY A 37 -6.62 7.10 -22.47
C GLY A 37 -6.61 6.13 -23.63
N ALA A 38 -7.78 6.01 -24.27
CA ALA A 38 -7.91 5.14 -25.42
C ALA A 38 -7.06 5.67 -26.58
N ASP A 39 -6.98 4.87 -27.63
CA ASP A 39 -6.18 5.26 -28.80
C ASP A 39 -6.74 6.51 -29.45
N ASN A 40 -8.05 6.59 -29.62
CA ASN A 40 -8.65 7.74 -30.30
C ASN A 40 -8.58 9.00 -29.45
N SER A 41 -8.69 8.85 -28.13
CA SER A 41 -8.64 10.02 -27.25
C SER A 41 -7.32 10.74 -27.38
N GLY A 42 -7.38 12.07 -27.28
CA GLY A 42 -6.20 12.89 -27.43
C GLY A 42 -5.30 12.88 -26.22
N LYS A 43 -4.98 11.69 -25.70
CA LYS A 43 -4.08 11.61 -24.56
C LYS A 43 -2.71 12.17 -24.90
N SER A 44 -2.29 12.12 -26.16
CA SER A 44 -1.08 12.82 -26.57
C SER A 44 -1.31 14.31 -26.71
N THR A 45 -2.52 14.73 -27.09
CA THR A 45 -2.84 16.15 -27.13
C THR A 45 -2.78 16.76 -25.73
N ILE A 46 -3.18 16.02 -24.71
CA ILE A 46 -2.96 16.47 -23.34
C ILE A 46 -1.47 16.57 -23.06
N VAL A 47 -0.65 15.80 -23.79
CA VAL A 47 0.80 15.97 -23.75
C VAL A 47 1.29 16.96 -24.79
N LYS A 48 0.43 17.41 -25.70
CA LYS A 48 0.80 18.45 -26.66
C LYS A 48 1.13 19.77 -25.98
N GLN A 49 0.75 19.94 -24.71
CA GLN A 49 1.20 21.06 -23.89
C GLN A 49 2.48 20.73 -23.13
N MET A 50 3.31 19.85 -23.68
CA MET A 50 4.49 19.36 -22.99
C MET A 50 5.36 20.51 -22.49
N ARG A 51 5.85 20.37 -21.26
CA ARG A 51 6.73 21.36 -20.63
C ARG A 51 7.92 20.59 -20.09
N ILE A 52 8.92 20.40 -20.94
CA ILE A 52 10.13 19.66 -20.55
C ILE A 52 9.76 18.25 -20.10
N ILE A 66 6.82 3.55 -23.30
CA ILE A 66 6.62 4.45 -22.18
C ILE A 66 7.27 5.80 -22.51
N PHE A 67 6.54 6.89 -22.29
CA PHE A 67 7.00 8.23 -22.64
C PHE A 67 6.74 9.14 -21.44
N GLU A 68 7.76 9.30 -20.60
CA GLU A 68 7.65 10.21 -19.47
C GLU A 68 7.66 11.66 -19.94
N THR A 69 6.95 12.52 -19.22
CA THR A 69 6.95 13.95 -19.50
C THR A 69 6.89 14.69 -18.17
N LYS A 70 8.03 15.25 -17.75
CA LYS A 70 8.15 15.93 -16.47
C LYS A 70 7.85 17.42 -16.67
N PHE A 71 6.82 17.91 -15.99
CA PHE A 71 6.45 19.31 -16.04
C PHE A 71 6.16 19.79 -14.62
N GLN A 72 6.52 21.04 -14.34
CA GLN A 72 6.34 21.64 -13.03
C GLN A 72 5.49 22.89 -13.14
N VAL A 73 4.57 23.06 -12.17
CA VAL A 73 3.73 24.24 -12.08
C VAL A 73 3.92 24.84 -10.69
N ASP A 74 4.19 26.14 -10.63
CA ASP A 74 4.44 26.83 -9.37
C ASP A 74 5.60 26.18 -8.62
N LYS A 75 6.62 25.75 -9.36
CA LYS A 75 7.86 25.24 -8.80
C LYS A 75 7.68 23.91 -8.06
N VAL A 76 6.60 23.19 -8.32
CA VAL A 76 6.42 21.82 -7.83
C VAL A 76 6.30 20.92 -9.05
N ASN A 77 7.05 19.82 -9.04
CA ASN A 77 7.19 18.97 -10.22
C ASN A 77 6.10 17.93 -10.28
N PHE A 78 5.54 17.74 -11.46
CA PHE A 78 4.66 16.62 -11.78
C PHE A 78 5.36 15.73 -12.79
N HIS A 79 5.30 14.42 -12.57
CA HIS A 79 5.85 13.44 -13.48
C HIS A 79 4.70 12.64 -14.08
N MET A 80 4.62 12.62 -15.41
CA MET A 80 3.53 11.98 -16.11
C MET A 80 4.04 10.76 -16.85
N PHE A 81 3.41 9.61 -16.60
CA PHE A 81 3.76 8.35 -17.24
C PHE A 81 2.58 7.84 -18.04
N ASP A 82 2.81 7.57 -19.32
CA ASP A 82 1.84 6.91 -20.18
C ASP A 82 2.50 5.68 -20.77
N VAL A 83 1.88 4.52 -20.58
CA VAL A 83 2.46 3.24 -20.99
C VAL A 83 1.75 2.79 -22.26
N GLY A 84 2.51 2.74 -23.37
CA GLY A 84 1.95 2.36 -24.65
C GLY A 84 2.75 1.28 -25.34
N GLY A 85 3.93 0.97 -24.82
CA GLY A 85 4.75 -0.09 -25.38
C GLY A 85 4.34 -1.48 -24.99
N GLN A 86 3.40 -1.63 -24.09
CA GLN A 86 2.96 -2.92 -23.59
C GLN A 86 1.71 -3.39 -24.33
N ARG A 87 1.45 -4.69 -24.23
CA ARG A 87 0.28 -5.25 -24.86
C ARG A 87 -0.97 -4.77 -24.16
N ASP A 88 -2.12 -5.02 -24.77
CA ASP A 88 -3.39 -4.59 -24.21
C ASP A 88 -3.92 -5.61 -23.19
N GLU A 89 -3.12 -5.91 -22.18
CA GLU A 89 -3.51 -6.81 -21.09
C GLU A 89 -3.11 -6.21 -19.75
N ARG A 90 -3.48 -4.94 -19.56
CA ARG A 90 -3.03 -4.17 -18.40
C ARG A 90 -3.79 -4.59 -17.15
N ARG A 91 -3.52 -5.82 -16.72
CA ARG A 91 -4.02 -6.32 -15.45
C ARG A 91 -2.91 -6.68 -14.48
N LYS A 92 -1.65 -6.61 -14.90
CA LYS A 92 -0.53 -7.00 -14.03
C LYS A 92 0.56 -5.94 -14.02
N TRP A 93 0.68 -5.16 -15.09
CA TRP A 93 1.61 -4.03 -15.07
C TRP A 93 0.97 -2.76 -14.54
N ILE A 94 -0.35 -2.75 -14.35
CA ILE A 94 -1.00 -1.61 -13.70
C ILE A 94 -0.86 -1.66 -12.20
N GLN A 95 -0.57 -2.83 -11.63
CA GLN A 95 -0.28 -2.91 -10.19
C GLN A 95 0.97 -2.12 -9.84
N CYS A 96 1.90 -1.98 -10.79
CA CYS A 96 3.09 -1.16 -10.54
C CYS A 96 2.71 0.29 -10.26
N PHE A 97 1.65 0.78 -10.90
CA PHE A 97 1.15 2.13 -10.67
C PHE A 97 0.15 2.10 -9.51
N ASN A 98 0.71 1.97 -8.30
CA ASN A 98 -0.07 1.95 -7.08
C ASN A 98 0.20 3.14 -6.16
N ASP A 99 1.38 3.75 -6.25
CA ASP A 99 1.71 4.95 -5.50
C ASP A 99 1.57 6.21 -6.36
N VAL A 100 0.98 6.09 -7.54
CA VAL A 100 0.72 7.26 -8.36
C VAL A 100 -0.23 8.19 -7.64
N THR A 101 0.08 9.50 -7.68
CA THR A 101 -0.76 10.47 -6.99
C THR A 101 -2.18 10.49 -7.54
N ALA A 102 -2.31 10.47 -8.86
CA ALA A 102 -3.63 10.53 -9.49
C ALA A 102 -3.57 9.87 -10.85
N ILE A 103 -4.69 9.31 -11.28
CA ILE A 103 -4.82 8.67 -12.58
C ILE A 103 -5.52 9.66 -13.51
N ILE A 104 -4.81 10.16 -14.51
CA ILE A 104 -5.36 11.14 -15.45
C ILE A 104 -6.06 10.33 -16.55
N PHE A 105 -7.35 10.07 -16.37
CA PHE A 105 -8.12 9.32 -17.35
C PHE A 105 -8.62 10.30 -18.41
N VAL A 106 -8.07 10.19 -19.62
CA VAL A 106 -8.43 11.06 -20.74
C VAL A 106 -9.44 10.34 -21.60
N VAL A 107 -10.52 11.03 -21.97
CA VAL A 107 -11.63 10.45 -22.69
C VAL A 107 -11.94 11.29 -23.92
N ASP A 108 -12.21 10.63 -25.03
CA ASP A 108 -12.71 11.30 -26.23
C ASP A 108 -14.22 11.44 -26.10
N SER A 109 -14.69 12.67 -25.94
CA SER A 109 -16.11 12.91 -25.69
C SER A 109 -16.93 13.01 -26.97
N SER A 110 -16.29 12.95 -28.14
CA SER A 110 -17.02 13.06 -29.40
C SER A 110 -17.56 11.72 -29.89
N ASP A 111 -16.71 10.69 -29.89
CA ASP A 111 -17.11 9.38 -30.43
C ASP A 111 -18.14 8.75 -29.49
N TYR A 112 -19.41 8.80 -29.88
CA TYR A 112 -20.45 8.16 -29.08
C TYR A 112 -20.29 6.65 -29.07
N ASN A 113 -19.96 6.05 -30.22
CA ASN A 113 -19.85 4.60 -30.29
C ASN A 113 -18.74 4.08 -29.40
N ARG A 114 -17.57 4.73 -29.42
CA ARG A 114 -16.45 4.31 -28.60
C ARG A 114 -16.57 4.76 -27.15
N LEU A 115 -17.55 5.60 -26.83
CA LEU A 115 -17.64 6.12 -25.47
C LEU A 115 -17.98 5.04 -24.45
N GLN A 116 -18.78 4.03 -24.85
CA GLN A 116 -19.14 2.97 -23.91
C GLN A 116 -17.90 2.20 -23.47
N GLU A 117 -16.95 2.00 -24.38
CA GLU A 117 -15.70 1.37 -24.00
C GLU A 117 -14.95 2.22 -22.98
N ALA A 118 -14.95 3.53 -23.15
CA ALA A 118 -14.32 4.41 -22.18
C ALA A 118 -15.00 4.31 -20.82
N LEU A 119 -16.34 4.26 -20.82
CA LEU A 119 -17.07 4.09 -19.57
C LEU A 119 -16.68 2.79 -18.88
N ASN A 120 -16.61 1.70 -19.64
CA ASN A 120 -16.26 0.41 -19.04
C ASN A 120 -14.84 0.41 -18.52
N ASP A 121 -13.91 1.03 -19.26
CA ASP A 121 -12.53 1.12 -18.79
C ASP A 121 -12.46 1.93 -17.50
N PHE A 122 -13.19 3.04 -17.43
CA PHE A 122 -13.20 3.83 -16.21
C PHE A 122 -13.81 3.06 -15.06
N LYS A 123 -14.86 2.29 -15.33
CA LYS A 123 -15.48 1.48 -14.29
C LYS A 123 -14.51 0.45 -13.75
N SER A 124 -13.74 -0.18 -14.64
CA SER A 124 -12.73 -1.15 -14.20
C SER A 124 -11.64 -0.48 -13.40
N ILE A 125 -11.21 0.72 -13.82
CA ILE A 125 -10.18 1.44 -13.09
C ILE A 125 -10.67 1.83 -11.70
N TRP A 126 -11.92 2.27 -11.60
CA TRP A 126 -12.45 2.79 -10.34
C TRP A 126 -12.55 1.70 -9.29
N ASN A 127 -13.17 0.58 -9.63
CA ASN A 127 -13.48 -0.47 -8.65
C ASN A 127 -12.34 -1.44 -8.44
N ASN A 128 -11.14 -1.14 -8.93
CA ASN A 128 -10.03 -2.07 -8.80
C ASN A 128 -9.60 -2.22 -7.35
N ARG A 129 -9.13 -3.42 -7.01
CA ARG A 129 -8.70 -3.68 -5.64
C ARG A 129 -7.45 -2.88 -5.30
N TRP A 130 -6.44 -2.92 -6.17
CA TRP A 130 -5.18 -2.26 -5.86
C TRP A 130 -5.26 -0.75 -6.04
N LEU A 131 -6.07 -0.26 -6.98
CA LEU A 131 -6.26 1.17 -7.17
C LEU A 131 -7.46 1.70 -6.40
N ARG A 132 -7.78 1.08 -5.26
CA ARG A 132 -8.89 1.52 -4.44
C ARG A 132 -8.59 2.82 -3.69
N THR A 133 -7.34 3.28 -3.71
CA THR A 133 -6.95 4.50 -3.01
C THR A 133 -6.27 5.50 -3.95
N ILE A 134 -6.63 5.49 -5.23
CA ILE A 134 -6.05 6.39 -6.22
C ILE A 134 -7.18 7.23 -6.80
N SER A 135 -7.07 8.54 -6.66
CA SER A 135 -8.07 9.45 -7.22
C SER A 135 -7.77 9.71 -8.70
N VAL A 136 -8.83 9.94 -9.46
CA VAL A 136 -8.77 9.96 -10.92
C VAL A 136 -9.15 11.34 -11.42
N ILE A 137 -8.32 11.91 -12.28
CA ILE A 137 -8.59 13.18 -12.94
C ILE A 137 -9.10 12.86 -14.34
N LEU A 138 -10.34 13.25 -14.62
CA LEU A 138 -11.03 12.85 -15.84
C LEU A 138 -11.08 14.02 -16.81
N PHE A 139 -10.47 13.85 -17.98
CA PHE A 139 -10.44 14.87 -19.02
C PHE A 139 -11.29 14.39 -20.19
N LEU A 140 -12.38 15.10 -20.47
CA LEU A 140 -13.26 14.77 -21.58
C LEU A 140 -12.93 15.65 -22.78
N ASN A 141 -11.73 15.48 -23.30
CA ASN A 141 -11.22 16.42 -24.28
C ASN A 141 -11.87 16.19 -25.65
N LYS A 142 -11.41 16.92 -26.66
CA LYS A 142 -12.14 17.14 -27.91
C LYS A 142 -13.59 17.54 -27.64
N GLN A 143 -13.74 18.62 -26.87
CA GLN A 143 -15.07 19.19 -26.67
C GLN A 143 -15.52 19.99 -27.87
N ASP A 144 -14.58 20.58 -28.61
CA ASP A 144 -14.94 21.29 -29.84
C ASP A 144 -15.56 20.34 -30.84
N LEU A 145 -15.01 19.13 -30.97
CA LEU A 145 -15.60 18.13 -31.86
C LEU A 145 -17.00 17.77 -31.38
N LEU A 146 -17.20 17.66 -30.07
CA LEU A 146 -18.54 17.38 -29.55
C LEU A 146 -19.51 18.48 -29.93
N ALA A 147 -19.11 19.74 -29.77
CA ALA A 147 -19.98 20.84 -30.15
C ALA A 147 -20.31 20.78 -31.64
N GLU A 148 -19.30 20.57 -32.48
CA GLU A 148 -19.54 20.48 -33.91
C GLU A 148 -20.51 19.34 -34.24
N LYS A 149 -20.37 18.19 -33.56
CA LYS A 149 -21.24 17.07 -33.83
C LYS A 149 -22.68 17.35 -33.44
N VAL A 150 -22.89 17.94 -32.26
CA VAL A 150 -24.25 18.18 -31.81
C VAL A 150 -24.92 19.26 -32.65
N LEU A 151 -24.21 20.34 -32.94
CA LEU A 151 -24.82 21.43 -33.72
C LEU A 151 -25.20 20.95 -35.12
N ALA A 152 -24.35 20.15 -35.75
CA ALA A 152 -24.65 19.61 -37.08
C ALA A 152 -25.86 18.70 -37.02
N TYR A 160 -27.85 5.99 -29.74
CA TYR A 160 -26.73 5.36 -29.04
C TYR A 160 -27.08 5.08 -27.59
N PHE A 161 -27.17 6.15 -26.79
CA PHE A 161 -27.47 6.02 -25.38
C PHE A 161 -28.97 6.17 -25.16
N PRO A 162 -29.65 5.17 -24.58
CA PRO A 162 -31.08 5.33 -24.29
C PRO A 162 -31.37 6.19 -23.08
N GLU A 163 -30.35 6.61 -22.33
CA GLU A 163 -30.53 7.46 -21.17
C GLU A 163 -30.66 8.93 -21.53
N PHE A 164 -30.52 9.28 -22.80
CA PHE A 164 -30.68 10.65 -23.27
C PHE A 164 -32.13 11.00 -23.59
N ALA A 165 -33.06 10.05 -23.44
CA ALA A 165 -34.46 10.33 -23.77
C ALA A 165 -34.99 11.49 -22.94
N ARG A 166 -34.70 11.50 -21.65
CA ARG A 166 -35.05 12.61 -20.77
C ARG A 166 -33.87 12.87 -19.85
N TYR A 167 -33.42 14.13 -19.82
CA TYR A 167 -32.26 14.50 -19.03
C TYR A 167 -32.16 16.02 -18.93
N THR A 168 -32.02 16.54 -17.73
CA THR A 168 -31.97 17.97 -17.48
C THR A 168 -30.62 18.34 -16.90
N THR A 169 -29.97 19.33 -17.49
CA THR A 169 -28.69 19.81 -16.97
C THR A 169 -28.91 20.41 -15.59
N PRO A 170 -28.08 20.05 -14.58
CA PRO A 170 -28.33 20.65 -13.27
C PRO A 170 -27.90 22.11 -13.21
N PRO A 181 -27.06 26.02 -24.63
CA PRO A 181 -27.54 25.32 -25.83
C PRO A 181 -27.52 23.79 -25.65
N ARG A 182 -27.72 23.06 -26.75
CA ARG A 182 -27.81 21.61 -26.66
C ARG A 182 -26.44 20.97 -26.37
N VAL A 183 -25.37 21.63 -26.81
CA VAL A 183 -24.03 21.10 -26.53
C VAL A 183 -23.80 21.01 -25.03
N THR A 184 -24.33 21.97 -24.28
CA THR A 184 -24.23 21.87 -22.82
C THR A 184 -24.93 20.63 -22.31
N ARG A 185 -26.13 20.34 -22.82
CA ARG A 185 -26.84 19.14 -22.41
C ARG A 185 -26.03 17.89 -22.72
N ALA A 186 -25.44 17.83 -23.91
CA ALA A 186 -24.69 16.63 -24.30
C ALA A 186 -23.45 16.44 -23.43
N LYS A 187 -22.65 17.50 -23.27
CA LYS A 187 -21.43 17.37 -22.50
C LYS A 187 -21.74 17.03 -21.04
N TYR A 188 -22.77 17.65 -20.48
CA TYR A 188 -23.10 17.34 -19.09
C TYR A 188 -23.74 15.96 -18.98
N PHE A 189 -24.36 15.45 -20.04
CA PHE A 189 -24.83 14.07 -20.03
C PHE A 189 -23.66 13.10 -19.93
N ILE A 190 -22.63 13.32 -20.75
CA ILE A 190 -21.47 12.44 -20.69
C ILE A 190 -20.80 12.54 -19.32
N ARG A 191 -20.65 13.77 -18.81
CA ARG A 191 -20.06 13.94 -17.49
C ARG A 191 -20.88 13.25 -16.42
N ASP A 192 -22.21 13.31 -16.53
CA ASP A 192 -23.07 12.68 -15.54
C ASP A 192 -22.95 11.16 -15.59
N GLU A 193 -22.84 10.59 -16.79
CA GLU A 193 -22.63 9.15 -16.88
C GLU A 193 -21.32 8.76 -16.19
N PHE A 194 -20.24 9.49 -16.47
CA PHE A 194 -18.98 9.19 -15.82
C PHE A 194 -19.09 9.33 -14.30
N LEU A 195 -19.77 10.38 -13.84
CA LEU A 195 -19.88 10.62 -12.40
C LEU A 195 -20.72 9.54 -11.74
N ARG A 196 -21.77 9.06 -12.40
CA ARG A 196 -22.54 7.95 -11.85
C ARG A 196 -21.67 6.71 -11.73
N ILE A 197 -20.86 6.43 -12.74
CA ILE A 197 -19.95 5.28 -12.65
C ILE A 197 -18.98 5.48 -11.49
N SER A 198 -18.53 6.71 -11.27
CA SER A 198 -17.58 6.97 -10.19
C SER A 198 -18.23 6.79 -8.81
N THR A 199 -19.45 7.29 -8.64
CA THR A 199 -20.12 7.29 -7.35
C THR A 199 -20.87 6.01 -7.05
N ALA A 200 -20.98 5.08 -8.02
CA ALA A 200 -21.63 3.81 -7.74
C ALA A 200 -20.94 3.08 -6.60
N SER A 201 -19.61 3.03 -6.62
CA SER A 201 -18.81 2.45 -5.55
C SER A 201 -17.90 3.52 -4.93
N GLY A 202 -18.37 4.76 -4.92
CA GLY A 202 -17.56 5.85 -4.40
C GLY A 202 -17.33 5.72 -2.91
N ASP A 203 -16.23 6.32 -2.46
CA ASP A 203 -15.87 6.34 -1.05
C ASP A 203 -14.92 7.49 -0.82
N GLY A 204 -14.76 7.86 0.46
CA GLY A 204 -13.87 8.94 0.81
C GLY A 204 -12.41 8.67 0.50
N ARG A 205 -12.05 7.42 0.21
CA ARG A 205 -10.67 7.09 -0.08
C ARG A 205 -10.17 7.81 -1.32
N HIS A 206 -10.99 7.89 -2.36
CA HIS A 206 -10.58 8.49 -3.62
C HIS A 206 -11.77 9.16 -4.29
N TYR A 207 -11.50 10.23 -5.04
CA TYR A 207 -12.51 11.04 -5.69
C TYR A 207 -12.22 11.14 -7.18
N CYS A 208 -13.14 11.75 -7.91
CA CYS A 208 -13.02 11.97 -9.35
C CYS A 208 -13.29 13.44 -9.65
N TYR A 209 -12.51 14.01 -10.56
CA TYR A 209 -12.57 15.43 -10.90
C TYR A 209 -12.80 15.60 -12.39
N PRO A 210 -14.04 15.68 -12.85
CA PRO A 210 -14.29 15.84 -14.29
C PRO A 210 -13.78 17.18 -14.79
N HIS A 211 -13.50 17.23 -16.09
CA HIS A 211 -13.14 18.47 -16.76
C HIS A 211 -13.59 18.39 -18.20
N PHE A 212 -13.73 19.55 -18.83
CA PHE A 212 -14.16 19.66 -20.21
C PHE A 212 -13.02 20.31 -20.98
N THR A 213 -12.06 19.49 -21.42
CA THR A 213 -10.88 19.98 -22.11
C THR A 213 -11.20 20.23 -23.57
N CYS A 214 -10.48 21.16 -24.17
CA CYS A 214 -10.52 21.38 -25.61
C CYS A 214 -9.14 21.10 -26.19
N ALA A 215 -9.11 20.83 -27.50
CA ALA A 215 -7.84 20.53 -28.15
C ALA A 215 -6.88 21.72 -28.12
N VAL A 216 -7.39 22.93 -27.91
CA VAL A 216 -6.58 24.14 -27.94
C VAL A 216 -6.54 24.78 -26.57
N ASP A 217 -6.61 23.98 -25.52
CA ASP A 217 -6.60 24.46 -24.14
C ASP A 217 -5.19 24.31 -23.56
N THR A 218 -4.67 25.39 -22.98
CA THR A 218 -3.37 25.39 -22.33
C THR A 218 -3.48 25.44 -20.81
N GLU A 219 -4.68 25.54 -20.26
CA GLU A 219 -4.88 25.61 -18.82
C GLU A 219 -4.94 24.24 -18.17
N ASN A 220 -4.73 23.16 -18.92
CA ASN A 220 -4.79 21.83 -18.34
C ASN A 220 -3.81 21.66 -17.21
N ALA A 221 -2.64 22.32 -17.29
CA ALA A 221 -1.69 22.26 -16.20
C ALA A 221 -2.29 22.81 -14.91
N ARG A 222 -3.01 23.93 -15.00
CA ARG A 222 -3.65 24.50 -13.82
C ARG A 222 -4.71 23.56 -13.26
N ARG A 223 -5.49 22.93 -14.13
CA ARG A 223 -6.52 22.00 -13.66
C ARG A 223 -5.88 20.82 -12.94
N ILE A 224 -4.81 20.25 -13.52
CA ILE A 224 -4.10 19.17 -12.87
C ILE A 224 -3.54 19.64 -11.54
N PHE A 225 -3.02 20.86 -11.49
CA PHE A 225 -2.46 21.39 -10.25
C PHE A 225 -3.51 21.47 -9.16
N ASN A 226 -4.67 22.07 -9.47
CA ASN A 226 -5.71 22.20 -8.46
C ASN A 226 -6.22 20.84 -8.02
N ASP A 227 -6.41 19.91 -8.95
CA ASP A 227 -6.88 18.58 -8.59
C ASP A 227 -5.88 17.85 -7.71
N CYS A 228 -4.59 17.92 -8.06
CA CYS A 228 -3.57 17.26 -7.25
C CYS A 228 -3.44 17.91 -5.88
N LYS A 229 -3.58 19.24 -5.82
CA LYS A 229 -3.58 19.93 -4.54
C LYS A 229 -4.71 19.42 -3.65
N ASP A 230 -5.91 19.28 -4.21
CA ASP A 230 -7.02 18.79 -3.40
C ASP A 230 -6.82 17.33 -3.01
N ILE A 231 -6.21 16.53 -3.89
CA ILE A 231 -5.95 15.13 -3.55
C ILE A 231 -4.99 15.05 -2.38
N ILE A 232 -3.90 15.81 -2.42
CA ILE A 232 -2.95 15.79 -1.32
C ILE A 232 -3.58 16.37 -0.07
N LEU A 233 -4.45 17.37 -0.21
CA LEU A 233 -5.14 17.92 0.95
C LEU A 233 -6.01 16.87 1.63
N GLN A 234 -6.73 16.08 0.83
CA GLN A 234 -7.57 15.04 1.41
C GLN A 234 -6.73 13.92 2.01
N MET A 235 -5.60 13.60 1.39
CA MET A 235 -4.70 12.62 1.99
C MET A 235 -4.20 13.11 3.35
N ASN A 236 -3.82 14.38 3.43
CA ASN A 236 -3.37 14.95 4.70
C ASN A 236 -4.50 14.96 5.72
N LEU A 237 -5.71 15.28 5.29
CA LEU A 237 -6.85 15.27 6.21
C LEU A 237 -7.08 13.88 6.77
N ARG A 238 -7.00 12.85 5.92
CA ARG A 238 -7.13 11.49 6.41
C ARG A 238 -6.00 11.13 7.37
N GLU A 239 -4.77 11.56 7.05
CA GLU A 239 -3.63 11.23 7.91
C GLU A 239 -3.77 11.87 9.27
N TYR A 240 -4.19 13.13 9.33
CA TYR A 240 -4.28 13.87 10.59
C TYR A 240 -5.49 13.48 11.42
N ASN A 241 -6.36 12.60 10.90
CA ASN A 241 -7.53 12.12 11.63
C ASN A 241 -8.53 13.22 11.90
N LEU A 242 -8.48 14.32 11.15
CA LEU A 242 -9.50 15.35 11.27
C LEU A 242 -10.87 14.79 10.87
N VAL A 243 -10.88 13.84 9.95
CA VAL A 243 -12.11 13.15 9.57
C VAL A 243 -12.40 12.01 10.54
N LEU B 32 -6.64 -33.41 -28.91
CA LEU B 32 -6.16 -34.64 -28.24
C LEU B 32 -5.73 -34.37 -26.79
N LYS B 33 -6.19 -33.25 -26.24
CA LYS B 33 -5.89 -32.95 -24.84
C LYS B 33 -6.51 -33.98 -23.91
N ASN B 34 -7.71 -34.47 -24.23
CA ASN B 34 -8.33 -35.51 -23.42
C ASN B 34 -7.48 -36.77 -23.38
N GLN B 35 -6.80 -37.09 -24.48
CA GLN B 35 -5.91 -38.24 -24.48
C GLN B 35 -4.78 -38.07 -23.49
N ILE B 36 -4.18 -36.88 -23.44
CA ILE B 36 -3.11 -36.62 -22.48
C ILE B 36 -3.65 -36.66 -21.06
N ARG B 37 -4.85 -36.14 -20.85
CA ARG B 37 -5.46 -36.19 -19.52
C ARG B 37 -5.67 -37.63 -19.08
N ASP B 38 -6.16 -38.48 -19.99
CA ASP B 38 -6.34 -39.88 -19.65
C ASP B 38 -5.01 -40.57 -19.36
N ALA B 39 -3.98 -40.26 -20.16
CA ALA B 39 -2.67 -40.85 -19.95
C ALA B 39 -2.11 -40.46 -18.58
N ARG B 40 -2.27 -39.18 -18.19
CA ARG B 40 -1.80 -38.75 -16.88
C ARG B 40 -2.64 -39.37 -15.76
N LYS B 41 -3.94 -39.58 -16.01
CA LYS B 41 -4.76 -40.27 -15.02
C LYS B 41 -4.30 -41.70 -14.82
N ALA B 42 -3.89 -42.38 -15.90
CA ALA B 42 -3.49 -43.79 -15.79
C ALA B 42 -2.32 -43.95 -14.83
N CYS B 43 -1.33 -43.07 -14.91
CA CYS B 43 -0.18 -43.14 -14.02
C CYS B 43 -0.48 -42.59 -12.63
N ALA B 44 -1.64 -41.99 -12.41
CA ALA B 44 -2.01 -41.46 -11.10
C ALA B 44 -2.67 -42.55 -10.25
N ASP B 45 -1.90 -43.62 -10.03
CA ASP B 45 -2.37 -44.74 -9.23
C ASP B 45 -2.25 -44.49 -7.73
N ALA B 46 -1.45 -43.52 -7.32
CA ALA B 46 -1.26 -43.21 -5.91
C ALA B 46 -1.31 -41.70 -5.71
N THR B 47 -1.75 -41.29 -4.53
CA THR B 47 -1.88 -39.88 -4.17
C THR B 47 -0.84 -39.55 -3.11
N LEU B 48 -0.21 -38.38 -3.26
CA LEU B 48 0.84 -38.00 -2.32
C LEU B 48 0.30 -37.88 -0.90
N SER B 49 -0.92 -37.34 -0.75
CA SER B 49 -1.53 -37.26 0.57
C SER B 49 -1.71 -38.64 1.18
N GLN B 50 -2.19 -39.60 0.38
CA GLN B 50 -2.36 -40.95 0.88
C GLN B 50 -1.02 -41.63 1.13
N ILE B 51 -0.07 -41.45 0.21
CA ILE B 51 1.26 -42.05 0.41
C ILE B 51 1.94 -41.45 1.63
N THR B 52 1.71 -40.16 1.87
CA THR B 52 2.33 -39.45 2.99
C THR B 52 1.50 -39.51 4.26
N ASN B 53 0.62 -40.50 4.40
CA ASN B 53 -0.26 -40.56 5.55
C ASN B 53 0.50 -40.87 6.84
N ASN B 54 1.68 -41.50 6.75
CA ASN B 54 2.44 -41.95 7.92
C ASN B 54 3.87 -41.43 7.81
N ILE B 55 4.09 -40.20 8.29
CA ILE B 55 5.41 -39.61 8.38
C ILE B 55 5.47 -38.72 9.62
N ASP B 56 6.63 -38.63 10.23
CA ASP B 56 6.82 -37.76 11.38
C ASP B 56 6.55 -36.32 10.97
N PRO B 57 5.46 -35.69 11.42
CA PRO B 57 5.19 -34.32 10.99
C PRO B 57 6.21 -33.34 11.52
N VAL B 58 6.37 -32.24 10.81
CA VAL B 58 7.23 -31.14 11.25
C VAL B 58 6.45 -30.28 12.22
N GLY B 59 7.02 -30.07 13.41
CA GLY B 59 6.35 -29.29 14.43
C GLY B 59 6.18 -27.84 14.01
N ARG B 60 5.39 -27.12 14.80
CA ARG B 60 5.13 -25.71 14.54
C ARG B 60 6.44 -24.95 14.40
N ILE B 61 6.69 -24.42 13.22
CA ILE B 61 7.96 -23.74 12.93
C ILE B 61 7.87 -22.31 13.43
N GLN B 62 8.71 -21.97 14.39
CA GLN B 62 8.77 -20.61 14.96
C GLN B 62 9.95 -19.89 14.31
N MET B 63 9.66 -19.11 13.28
CA MET B 63 10.67 -18.31 12.59
C MET B 63 10.55 -16.88 13.11
N ARG B 64 11.54 -16.46 13.89
CA ARG B 64 11.54 -15.12 14.47
C ARG B 64 12.39 -14.18 13.62
N THR B 65 11.85 -12.99 13.36
CA THR B 65 12.56 -12.01 12.55
C THR B 65 13.91 -11.69 13.16
N ARG B 66 14.99 -12.10 12.48
CA ARG B 66 16.32 -11.86 13.02
C ARG B 66 16.81 -10.46 12.66
N ARG B 67 16.54 -10.05 11.42
CA ARG B 67 16.94 -8.73 10.97
C ARG B 67 15.82 -8.06 10.19
N THR B 68 15.82 -6.73 10.15
CA THR B 68 14.83 -5.97 9.39
C THR B 68 15.58 -4.82 8.72
N LEU B 69 15.86 -4.98 7.43
CA LEU B 69 16.68 -4.02 6.69
C LEU B 69 15.80 -2.90 6.16
N ARG B 70 16.03 -1.68 6.64
CA ARG B 70 15.29 -0.51 6.25
C ARG B 70 16.20 0.46 5.50
N GLY B 71 15.59 1.33 4.72
CA GLY B 71 16.33 2.29 3.93
C GLY B 71 15.74 2.51 2.55
N HIS B 72 14.69 1.77 2.20
CA HIS B 72 14.05 1.91 0.91
C HIS B 72 12.91 2.92 1.00
N LEU B 73 12.91 3.87 0.06
CA LEU B 73 11.92 4.94 0.08
C LEU B 73 10.51 4.39 -0.07
N ALA B 74 10.32 3.44 -0.99
CA ALA B 74 8.98 2.97 -1.34
C ALA B 74 8.91 1.44 -1.28
N LYS B 75 7.79 0.89 -1.73
CA LYS B 75 7.55 -0.54 -1.63
C LYS B 75 8.58 -1.33 -2.42
N ILE B 76 8.87 -2.54 -1.95
CA ILE B 76 9.81 -3.43 -2.62
C ILE B 76 9.08 -4.25 -3.67
N TYR B 77 9.81 -4.70 -4.68
CA TYR B 77 9.23 -5.49 -5.76
C TYR B 77 9.91 -6.83 -5.97
N ALA B 78 11.22 -6.92 -5.78
CA ALA B 78 11.92 -8.17 -6.02
C ALA B 78 13.24 -8.17 -5.26
N MET B 79 13.82 -9.36 -5.14
CA MET B 79 15.11 -9.54 -4.47
C MET B 79 15.62 -10.94 -4.80
N HIS B 80 16.90 -11.15 -4.53
CA HIS B 80 17.53 -12.43 -4.83
C HIS B 80 18.79 -12.58 -4.00
N TRP B 81 18.83 -13.61 -3.17
CA TRP B 81 20.00 -13.87 -2.35
C TRP B 81 21.20 -14.16 -3.24
N GLY B 82 22.37 -13.71 -2.80
CA GLY B 82 23.59 -14.02 -3.49
C GLY B 82 24.05 -15.44 -3.24
N THR B 83 25.10 -15.84 -3.96
CA THR B 83 25.65 -17.19 -3.78
C THR B 83 26.45 -17.28 -2.48
N ASP B 84 27.02 -16.18 -2.03
CA ASP B 84 27.76 -16.17 -0.77
C ASP B 84 26.87 -16.36 0.45
N SER B 85 25.55 -16.43 0.26
CA SER B 85 24.55 -16.72 1.28
C SER B 85 24.28 -15.53 2.20
N ARG B 86 25.00 -14.42 2.06
CA ARG B 86 24.77 -13.23 2.87
C ARG B 86 24.30 -12.04 2.04
N LEU B 87 25.08 -11.64 1.03
CA LEU B 87 24.72 -10.47 0.24
C LEU B 87 23.46 -10.75 -0.58
N LEU B 88 22.57 -9.77 -0.64
CA LEU B 88 21.35 -9.89 -1.42
C LEU B 88 20.97 -8.53 -1.97
N VAL B 89 20.24 -8.56 -3.09
CA VAL B 89 19.85 -7.35 -3.80
C VAL B 89 18.35 -7.15 -3.63
N SER B 90 17.93 -5.88 -3.67
CA SER B 90 16.53 -5.53 -3.60
C SER B 90 16.26 -4.34 -4.50
N ALA B 91 15.13 -4.39 -5.21
CA ALA B 91 14.72 -3.33 -6.12
C ALA B 91 13.31 -2.87 -5.75
N SER B 92 13.12 -1.56 -5.68
CA SER B 92 11.90 -0.98 -5.14
C SER B 92 11.30 0.01 -6.14
N GLN B 93 10.10 0.50 -5.80
CA GLN B 93 9.41 1.46 -6.66
C GLN B 93 10.17 2.78 -6.74
N ASP B 94 10.95 3.12 -5.73
CA ASP B 94 11.61 4.42 -5.69
C ASP B 94 12.60 4.61 -6.83
N GLY B 95 13.01 3.54 -7.50
CA GLY B 95 13.99 3.64 -8.57
C GLY B 95 15.42 3.48 -8.12
N LYS B 96 15.65 2.76 -7.02
CA LYS B 96 16.99 2.47 -6.53
C LYS B 96 17.13 0.98 -6.34
N LEU B 97 18.20 0.41 -6.88
CA LEU B 97 18.54 -0.99 -6.70
C LEU B 97 19.61 -1.06 -5.62
N ILE B 98 19.31 -1.76 -4.53
CA ILE B 98 20.14 -1.71 -3.32
C ILE B 98 20.61 -3.11 -2.98
N ILE B 99 21.86 -3.21 -2.55
CA ILE B 99 22.49 -4.47 -2.17
C ILE B 99 22.76 -4.43 -0.68
N TRP B 100 22.23 -5.41 0.04
CA TRP B 100 22.35 -5.46 1.49
C TRP B 100 23.52 -6.33 1.91
N ASP B 101 23.61 -6.58 3.21
CA ASP B 101 24.52 -7.58 3.79
C ASP B 101 23.77 -8.13 4.99
N SER B 102 23.02 -9.21 4.78
CA SER B 102 22.05 -9.66 5.77
C SER B 102 22.68 -9.99 7.11
N TYR B 103 23.97 -10.35 7.13
CA TYR B 103 24.62 -10.68 8.40
C TYR B 103 24.75 -9.45 9.30
N THR B 104 25.20 -8.33 8.73
CA THR B 104 25.42 -7.11 9.49
C THR B 104 24.45 -5.99 9.15
N THR B 105 23.64 -6.15 8.12
CA THR B 105 22.67 -5.16 7.67
C THR B 105 23.32 -3.92 7.07
N ASN B 106 24.65 -3.89 7.00
CA ASN B 106 25.34 -2.74 6.43
C ASN B 106 25.25 -2.79 4.91
N LYS B 107 24.64 -1.75 4.32
CA LYS B 107 24.46 -1.72 2.88
C LYS B 107 25.81 -1.76 2.17
N VAL B 108 25.81 -2.21 0.93
CA VAL B 108 27.04 -2.30 0.14
C VAL B 108 26.93 -1.48 -1.13
N HIS B 109 25.71 -1.32 -1.65
CA HIS B 109 25.50 -0.59 -2.89
C HIS B 109 24.07 -0.09 -2.94
N ALA B 110 23.88 1.06 -3.59
CA ALA B 110 22.54 1.57 -3.92
C ALA B 110 22.64 2.14 -5.33
N ILE B 111 22.40 1.28 -6.33
CA ILE B 111 22.58 1.63 -7.73
C ILE B 111 21.29 2.31 -8.20
N PRO B 112 21.37 3.53 -8.74
CA PRO B 112 20.15 4.17 -9.24
C PRO B 112 19.70 3.54 -10.55
N LEU B 113 18.40 3.63 -10.80
CA LEU B 113 17.77 3.01 -11.96
C LEU B 113 17.52 4.05 -13.04
N ARG B 114 17.56 3.61 -14.29
CA ARG B 114 17.17 4.45 -15.42
C ARG B 114 15.66 4.53 -15.57
N SER B 115 14.91 3.69 -14.87
CA SER B 115 13.45 3.75 -14.85
C SER B 115 12.97 3.40 -13.44
N SER B 116 11.96 4.12 -12.97
CA SER B 116 11.46 3.92 -11.62
C SER B 116 10.61 2.67 -11.47
N TRP B 117 10.27 1.99 -12.57
CA TRP B 117 9.39 0.81 -12.53
C TRP B 117 10.25 -0.41 -12.82
N VAL B 118 10.43 -1.25 -11.80
CA VAL B 118 11.19 -2.48 -11.92
C VAL B 118 10.51 -3.56 -11.10
N MET B 119 10.50 -4.79 -11.62
CA MET B 119 9.79 -5.89 -10.99
C MET B 119 10.59 -7.19 -11.06
N THR B 120 11.92 -7.10 -11.00
CA THR B 120 12.75 -8.28 -11.05
C THR B 120 14.12 -7.97 -10.46
N CYS B 121 14.87 -9.02 -10.15
CA CYS B 121 16.21 -8.86 -9.57
C CYS B 121 16.99 -10.14 -9.84
N ALA B 122 18.19 -10.02 -10.41
CA ALA B 122 18.96 -11.21 -10.75
C ALA B 122 20.34 -11.23 -10.10
N TYR B 123 20.76 -12.41 -9.63
CA TYR B 123 22.07 -12.54 -9.03
C TYR B 123 22.89 -13.59 -9.78
N ALA B 124 24.14 -13.26 -10.09
CA ALA B 124 24.99 -14.20 -10.81
C ALA B 124 25.60 -15.24 -9.85
N PRO B 125 25.65 -16.51 -10.29
CA PRO B 125 26.29 -17.53 -9.45
C PRO B 125 27.69 -17.15 -9.00
N SER B 126 28.43 -16.42 -9.84
CA SER B 126 29.69 -15.84 -9.39
C SER B 126 29.47 -14.83 -8.29
N GLY B 127 28.41 -14.02 -8.40
CA GLY B 127 28.10 -13.02 -7.41
C GLY B 127 28.57 -11.62 -7.73
N ASN B 128 29.15 -11.40 -8.91
CA ASN B 128 29.65 -10.09 -9.31
C ASN B 128 28.85 -9.50 -10.48
N TYR B 129 27.58 -9.88 -10.61
CA TYR B 129 26.69 -9.31 -11.60
C TYR B 129 25.29 -9.21 -11.00
N VAL B 130 24.58 -8.16 -11.37
CA VAL B 130 23.23 -7.90 -10.88
C VAL B 130 22.38 -7.40 -12.02
N ALA B 131 21.13 -7.83 -12.08
CA ALA B 131 20.22 -7.47 -13.15
C ALA B 131 18.91 -6.99 -12.56
N CYS B 132 18.12 -6.33 -13.39
CA CYS B 132 16.81 -5.83 -13.02
C CYS B 132 16.00 -5.63 -14.30
N GLY B 133 14.88 -4.96 -14.19
CA GLY B 133 14.04 -4.70 -15.33
C GLY B 133 12.59 -4.58 -14.91
N GLY B 134 11.73 -4.37 -15.90
CA GLY B 134 10.32 -4.19 -15.67
C GLY B 134 9.69 -3.48 -16.84
N LEU B 135 8.76 -2.58 -16.58
CA LEU B 135 8.30 -1.69 -17.63
C LEU B 135 9.50 -0.99 -18.27
N ASP B 136 9.36 -0.65 -19.54
CA ASP B 136 10.37 -0.18 -20.49
C ASP B 136 11.13 -1.35 -21.13
N ASN B 137 10.90 -2.58 -20.70
CA ASN B 137 11.27 -3.77 -21.46
C ASN B 137 12.78 -3.93 -21.61
N ILE B 138 13.55 -3.48 -20.63
CA ILE B 138 15.01 -3.54 -20.68
C ILE B 138 15.51 -4.32 -19.48
N CYS B 139 16.39 -5.28 -19.74
CA CYS B 139 17.00 -6.11 -18.69
C CYS B 139 18.37 -5.54 -18.36
N SER B 140 18.39 -4.38 -17.72
CA SER B 140 19.65 -3.74 -17.37
C SER B 140 20.48 -4.67 -16.51
N ILE B 141 21.79 -4.72 -16.79
CA ILE B 141 22.70 -5.65 -16.14
C ILE B 141 23.94 -4.89 -15.69
N TYR B 142 24.24 -4.95 -14.40
CA TYR B 142 25.30 -4.16 -13.79
C TYR B 142 26.52 -5.04 -13.49
N ASN B 143 27.69 -4.45 -13.66
CA ASN B 143 28.97 -5.11 -13.38
C ASN B 143 29.58 -4.39 -12.19
N LEU B 144 29.41 -4.95 -11.00
CA LEU B 144 29.88 -4.33 -9.77
C LEU B 144 31.28 -4.77 -9.37
N LYS B 145 31.92 -5.63 -10.15
CA LYS B 145 33.31 -6.02 -9.88
C LYS B 145 34.24 -5.09 -10.66
N THR B 146 34.20 -3.81 -10.27
CA THR B 146 34.97 -2.78 -10.95
C THR B 146 36.46 -3.08 -10.90
N VAL B 151 30.19 0.61 -11.31
CA VAL B 151 28.92 -0.05 -11.03
C VAL B 151 27.78 0.75 -11.64
N ARG B 152 27.79 0.90 -12.97
CA ARG B 152 26.80 1.69 -13.67
C ARG B 152 25.93 0.82 -14.59
N VAL B 153 26.53 0.14 -15.56
CA VAL B 153 25.84 -0.74 -16.49
C VAL B 153 26.89 -1.56 -17.21
N SER B 154 26.54 -2.80 -17.56
CA SER B 154 27.37 -3.63 -18.42
C SER B 154 26.66 -4.07 -19.69
N ARG B 155 25.33 -4.06 -19.70
CA ARG B 155 24.56 -4.36 -20.90
C ARG B 155 23.11 -4.01 -20.64
N GLU B 156 22.35 -3.89 -21.73
CA GLU B 156 20.92 -3.64 -21.66
C GLU B 156 20.27 -4.43 -22.78
N LEU B 157 19.39 -5.35 -22.43
CA LEU B 157 18.81 -6.29 -23.38
C LEU B 157 17.43 -5.77 -23.79
N ALA B 158 17.28 -5.46 -25.08
CA ALA B 158 16.16 -4.67 -25.59
C ALA B 158 15.45 -5.39 -26.72
N GLY B 159 15.12 -6.67 -26.52
CA GLY B 159 14.44 -7.46 -27.52
C GLY B 159 12.99 -7.77 -27.23
N HIS B 160 12.49 -7.46 -26.04
CA HIS B 160 11.14 -7.83 -25.66
C HIS B 160 10.15 -6.75 -26.07
N THR B 161 8.92 -7.17 -26.37
CA THR B 161 7.83 -6.27 -26.69
C THR B 161 6.83 -6.14 -25.54
N GLY B 162 7.19 -6.61 -24.35
CA GLY B 162 6.33 -6.48 -23.19
C GLY B 162 7.17 -6.34 -21.94
N TYR B 163 6.49 -6.00 -20.84
CA TYR B 163 7.20 -5.74 -19.59
C TYR B 163 7.95 -6.98 -19.13
N LEU B 164 9.21 -6.79 -18.75
CA LEU B 164 10.01 -7.89 -18.20
C LEU B 164 9.53 -8.24 -16.80
N SER B 165 9.41 -9.53 -16.54
CA SER B 165 8.84 -10.02 -15.28
C SER B 165 9.88 -10.63 -14.35
N CYS B 166 10.70 -11.57 -14.82
CA CYS B 166 11.68 -12.22 -13.98
C CYS B 166 12.85 -12.67 -14.83
N CYS B 167 14.06 -12.40 -14.34
CA CYS B 167 15.29 -12.81 -15.00
C CYS B 167 16.20 -13.47 -13.97
N ARG B 168 16.77 -14.61 -14.35
CA ARG B 168 17.68 -15.35 -13.48
C ARG B 168 18.96 -15.65 -14.23
N PHE B 169 20.09 -15.29 -13.65
CA PHE B 169 21.37 -15.54 -14.30
C PHE B 169 21.60 -17.04 -14.45
N LEU B 170 22.16 -17.43 -15.59
CA LEU B 170 22.40 -18.85 -15.87
C LEU B 170 23.83 -19.23 -15.48
N ASP B 171 24.81 -18.60 -16.12
CA ASP B 171 26.22 -18.96 -15.95
C ASP B 171 27.10 -17.72 -15.86
N ASP B 172 26.53 -16.57 -15.54
CA ASP B 172 27.25 -15.30 -15.48
C ASP B 172 27.54 -14.75 -16.88
N ASN B 173 27.16 -15.50 -17.92
CA ASN B 173 27.29 -15.06 -19.29
C ASN B 173 26.00 -15.19 -20.09
N GLN B 174 25.04 -15.95 -19.60
CA GLN B 174 23.72 -16.08 -20.21
C GLN B 174 22.67 -15.85 -19.13
N ILE B 175 21.66 -15.04 -19.47
CA ILE B 175 20.63 -14.64 -18.52
C ILE B 175 19.28 -14.96 -19.12
N VAL B 176 18.65 -16.03 -18.62
CA VAL B 176 17.29 -16.36 -19.01
C VAL B 176 16.38 -15.25 -18.51
N THR B 177 15.46 -14.81 -19.35
CA THR B 177 14.64 -13.64 -19.08
C THR B 177 13.21 -13.91 -19.52
N SER B 178 12.27 -13.69 -18.61
CA SER B 178 10.85 -13.74 -18.94
C SER B 178 10.41 -12.44 -19.58
N SER B 179 9.11 -12.31 -19.79
CA SER B 179 8.54 -11.05 -20.25
C SER B 179 7.04 -11.20 -20.35
N GLY B 180 6.35 -10.05 -20.39
CA GLY B 180 4.92 -10.02 -20.49
C GLY B 180 4.38 -10.13 -21.90
N ASP B 181 5.25 -10.25 -22.90
CA ASP B 181 4.83 -10.49 -24.26
C ASP B 181 4.63 -11.97 -24.55
N THR B 182 4.50 -12.79 -23.52
CA THR B 182 4.17 -14.21 -23.60
C THR B 182 5.33 -15.06 -24.11
N THR B 183 6.56 -14.58 -23.99
CA THR B 183 7.73 -15.32 -24.44
C THR B 183 8.90 -15.06 -23.50
N CYS B 184 9.51 -16.13 -23.00
CA CYS B 184 10.78 -16.02 -22.31
C CYS B 184 11.90 -15.85 -23.33
N ALA B 185 13.14 -15.95 -22.87
CA ALA B 185 14.27 -15.84 -23.77
C ALA B 185 15.55 -16.22 -23.04
N LEU B 186 16.51 -16.77 -23.77
CA LEU B 186 17.84 -17.03 -23.26
C LEU B 186 18.78 -16.05 -23.94
N TRP B 187 19.33 -15.11 -23.17
CA TRP B 187 20.12 -14.03 -23.71
C TRP B 187 21.59 -14.40 -23.72
N ASP B 188 22.42 -13.43 -24.11
CA ASP B 188 23.87 -13.59 -24.11
C ASP B 188 24.49 -12.21 -23.90
N ILE B 189 25.34 -12.10 -22.88
CA ILE B 189 25.83 -10.79 -22.47
C ILE B 189 26.69 -10.18 -23.57
N GLU B 190 27.62 -10.97 -24.12
CA GLU B 190 28.56 -10.44 -25.09
C GLU B 190 27.84 -9.95 -26.36
N THR B 191 26.97 -10.80 -26.91
CA THR B 191 26.22 -10.40 -28.10
C THR B 191 25.09 -9.45 -27.77
N GLY B 192 24.46 -9.61 -26.61
CA GLY B 192 23.35 -8.77 -26.23
C GLY B 192 22.06 -9.09 -26.93
N GLN B 193 22.00 -10.21 -27.67
CA GLN B 193 20.82 -10.60 -28.41
C GLN B 193 20.38 -11.99 -27.95
N GLN B 194 19.09 -12.26 -28.10
CA GLN B 194 18.55 -13.55 -27.68
C GLN B 194 19.27 -14.68 -28.40
N THR B 195 19.65 -15.71 -27.64
CA THR B 195 20.21 -16.91 -28.25
C THR B 195 19.11 -17.85 -28.71
N THR B 196 18.01 -17.92 -27.96
CA THR B 196 16.81 -18.64 -28.34
C THR B 196 15.60 -17.81 -27.93
N THR B 197 14.41 -18.36 -28.15
CA THR B 197 13.17 -17.71 -27.73
C THR B 197 12.13 -18.79 -27.45
N PHE B 198 11.57 -18.76 -26.24
CA PHE B 198 10.63 -19.78 -25.79
C PHE B 198 9.20 -19.29 -25.96
N THR B 199 8.84 -19.07 -27.23
CA THR B 199 7.52 -18.55 -27.59
C THR B 199 6.50 -19.68 -27.68
N GLY B 200 6.08 -20.15 -26.50
CA GLY B 200 5.08 -21.21 -26.41
C GLY B 200 3.88 -20.82 -25.58
N HIS B 201 4.02 -19.77 -24.77
CA HIS B 201 2.98 -19.39 -23.84
C HIS B 201 1.85 -18.66 -24.56
N THR B 202 0.76 -18.44 -23.83
CA THR B 202 -0.40 -17.69 -24.32
C THR B 202 -0.63 -16.40 -23.57
N GLY B 203 -0.48 -16.42 -22.24
CA GLY B 203 -0.55 -15.22 -21.44
C GLY B 203 0.83 -14.67 -21.11
N ASP B 204 0.85 -13.74 -20.16
CA ASP B 204 2.10 -13.14 -19.74
C ASP B 204 2.90 -14.13 -18.90
N VAL B 205 4.23 -14.09 -19.04
CA VAL B 205 5.12 -14.91 -18.23
C VAL B 205 5.51 -14.13 -16.99
N MET B 206 5.38 -14.76 -15.82
CA MET B 206 5.53 -14.08 -14.55
C MET B 206 6.81 -14.43 -13.81
N SER B 207 7.17 -15.71 -13.75
CA SER B 207 8.35 -16.11 -13.01
C SER B 207 8.90 -17.39 -13.59
N LEU B 208 10.23 -17.48 -13.62
CA LEU B 208 10.94 -18.68 -14.05
C LEU B 208 11.95 -19.06 -12.98
N SER B 209 12.26 -20.35 -12.90
CA SER B 209 13.21 -20.89 -11.94
C SER B 209 14.12 -21.87 -12.64
N LEU B 210 15.43 -21.61 -12.60
CA LEU B 210 16.39 -22.49 -13.23
C LEU B 210 16.58 -23.76 -12.42
N ALA B 211 16.84 -24.86 -13.12
CA ALA B 211 17.08 -26.14 -12.46
C ALA B 211 18.42 -26.14 -11.74
N PRO B 212 18.58 -26.99 -10.73
CA PRO B 212 19.91 -27.12 -10.12
C PRO B 212 20.98 -27.51 -11.12
N ASP B 213 20.63 -28.30 -12.13
CA ASP B 213 21.56 -28.65 -13.19
C ASP B 213 21.85 -27.49 -14.14
N THR B 214 21.05 -26.42 -14.10
CA THR B 214 21.20 -25.29 -15.02
C THR B 214 21.01 -25.73 -16.47
N ARG B 215 20.26 -26.81 -16.69
CA ARG B 215 19.97 -27.34 -18.01
C ARG B 215 18.53 -27.11 -18.44
N LEU B 216 17.58 -27.21 -17.52
CA LEU B 216 16.17 -26.96 -17.78
C LEU B 216 15.72 -25.76 -16.96
N PHE B 217 14.50 -25.31 -17.23
CA PHE B 217 13.84 -24.32 -16.38
C PHE B 217 12.36 -24.29 -16.73
N VAL B 218 11.58 -23.67 -15.85
CA VAL B 218 10.14 -23.55 -16.05
C VAL B 218 9.77 -22.07 -16.16
N SER B 219 8.49 -21.80 -16.40
CA SER B 219 8.01 -20.42 -16.46
C SER B 219 6.51 -20.43 -16.25
N GLY B 220 6.05 -19.82 -15.16
CA GLY B 220 4.63 -19.76 -14.88
C GLY B 220 3.97 -18.57 -15.53
N ALA B 221 3.06 -18.83 -16.46
CA ALA B 221 2.45 -17.78 -17.24
C ALA B 221 1.12 -17.36 -16.62
N CYS B 222 0.47 -16.38 -17.24
CA CYS B 222 -0.84 -15.92 -16.80
C CYS B 222 -2.00 -16.69 -17.41
N ASP B 223 -1.72 -17.64 -18.30
CA ASP B 223 -2.75 -18.51 -18.87
C ASP B 223 -3.02 -19.74 -18.00
N ALA B 224 -2.69 -19.67 -16.71
CA ALA B 224 -2.95 -20.76 -15.77
C ALA B 224 -2.22 -22.03 -16.18
N SER B 225 -0.99 -21.88 -16.63
CA SER B 225 -0.17 -23.02 -17.04
C SER B 225 1.27 -22.75 -16.61
N ALA B 226 2.12 -23.74 -16.83
CA ALA B 226 3.54 -23.64 -16.52
C ALA B 226 4.27 -24.67 -17.35
N LYS B 227 5.16 -24.22 -18.22
CA LYS B 227 5.83 -25.08 -19.18
C LYS B 227 7.29 -25.27 -18.81
N LEU B 228 7.74 -26.53 -18.82
CA LEU B 228 9.13 -26.84 -18.59
C LEU B 228 9.89 -26.72 -19.91
N TRP B 229 10.83 -25.79 -19.97
CA TRP B 229 11.59 -25.52 -21.18
C TRP B 229 12.95 -26.18 -21.10
N ASP B 230 13.65 -26.18 -22.24
CA ASP B 230 15.00 -26.72 -22.34
C ASP B 230 15.93 -25.61 -22.82
N VAL B 231 17.00 -25.39 -22.06
CA VAL B 231 17.92 -24.29 -22.41
C VAL B 231 18.64 -24.60 -23.71
N ARG B 232 19.19 -25.81 -23.84
CA ARG B 232 19.95 -26.15 -25.04
C ARG B 232 19.05 -26.35 -26.25
N GLU B 233 17.95 -27.08 -26.09
CA GLU B 233 17.08 -27.36 -27.22
C GLU B 233 16.23 -26.15 -27.60
N GLY B 234 15.86 -25.32 -26.64
CA GLY B 234 15.03 -24.16 -26.93
C GLY B 234 13.61 -24.49 -27.34
N MET B 235 13.00 -25.49 -26.70
CA MET B 235 11.63 -25.87 -27.02
C MET B 235 10.98 -26.47 -25.77
N CYS B 236 9.70 -26.18 -25.60
CA CYS B 236 8.95 -26.72 -24.47
C CYS B 236 8.99 -28.24 -24.50
N ARG B 237 9.04 -28.85 -23.31
CA ARG B 237 8.99 -30.29 -23.17
C ARG B 237 7.74 -30.79 -22.46
N GLN B 238 7.15 -29.99 -21.57
CA GLN B 238 5.95 -30.40 -20.88
C GLN B 238 5.11 -29.16 -20.57
N THR B 239 3.81 -29.38 -20.37
CA THR B 239 2.89 -28.34 -19.96
C THR B 239 2.03 -28.88 -18.81
N PHE B 240 1.97 -28.13 -17.72
CA PHE B 240 1.24 -28.55 -16.52
C PHE B 240 0.06 -27.58 -16.36
N THR B 241 -1.04 -27.88 -17.06
CA THR B 241 -2.25 -27.07 -16.98
C THR B 241 -3.13 -27.65 -15.87
N GLY B 242 -2.86 -27.19 -14.64
CA GLY B 242 -3.59 -27.67 -13.48
C GLY B 242 -3.96 -26.56 -12.53
N HIS B 243 -3.99 -25.33 -13.01
CA HIS B 243 -4.32 -24.17 -12.19
C HIS B 243 -5.61 -23.52 -12.66
N GLU B 244 -6.07 -22.54 -11.88
CA GLU B 244 -7.34 -21.87 -12.14
C GLU B 244 -7.19 -20.42 -12.59
N SER B 245 -6.08 -19.78 -12.29
CA SER B 245 -5.85 -18.40 -12.69
C SER B 245 -4.35 -18.18 -12.89
N ASP B 246 -3.93 -16.92 -12.92
CA ASP B 246 -2.54 -16.59 -13.18
C ASP B 246 -1.61 -17.32 -12.21
N ILE B 247 -0.33 -17.36 -12.58
CA ILE B 247 0.72 -17.98 -11.76
C ILE B 247 1.77 -16.90 -11.51
N ASN B 248 1.83 -16.39 -10.28
CA ASN B 248 2.68 -15.25 -9.98
C ASN B 248 4.09 -15.65 -9.56
N ALA B 249 4.33 -16.90 -9.19
CA ALA B 249 5.66 -17.32 -8.79
C ALA B 249 5.79 -18.82 -8.97
N ILE B 250 7.04 -19.27 -9.04
CA ILE B 250 7.36 -20.66 -9.35
C ILE B 250 8.74 -20.94 -8.81
N CYS B 251 8.98 -22.19 -8.39
CA CYS B 251 10.29 -22.57 -7.87
C CYS B 251 10.51 -24.06 -8.09
N PHE B 252 11.77 -24.43 -8.27
CA PHE B 252 12.16 -25.83 -8.42
C PHE B 252 12.39 -26.50 -7.08
N PHE B 253 12.07 -27.79 -7.04
CA PHE B 253 12.47 -28.63 -5.94
C PHE B 253 14.00 -28.70 -5.89
N PRO B 254 14.58 -28.85 -4.70
CA PRO B 254 16.05 -28.90 -4.63
C PRO B 254 16.67 -30.01 -5.47
N ASN B 255 16.00 -31.14 -5.65
CA ASN B 255 16.55 -32.22 -6.45
C ASN B 255 16.41 -31.98 -7.95
N GLY B 256 15.50 -31.08 -8.35
CA GLY B 256 15.31 -30.76 -9.75
C GLY B 256 14.27 -31.60 -10.46
N ASN B 257 13.59 -32.52 -9.76
CA ASN B 257 12.58 -33.37 -10.35
C ASN B 257 11.17 -32.95 -9.97
N ALA B 258 10.97 -31.72 -9.51
CA ALA B 258 9.65 -31.20 -9.21
C ALA B 258 9.74 -29.69 -9.05
N PHE B 259 8.59 -29.04 -9.15
CA PHE B 259 8.51 -27.59 -8.97
C PHE B 259 7.12 -27.24 -8.50
N ALA B 260 7.03 -26.14 -7.74
CA ALA B 260 5.78 -25.69 -7.15
C ALA B 260 5.42 -24.31 -7.68
N THR B 261 4.13 -24.09 -7.88
CA THR B 261 3.63 -22.86 -8.48
C THR B 261 2.70 -22.15 -7.50
N GLY B 262 2.71 -20.81 -7.58
CA GLY B 262 1.83 -19.99 -6.76
C GLY B 262 0.88 -19.17 -7.59
N SER B 263 -0.41 -19.36 -7.41
CA SER B 263 -1.44 -18.78 -8.26
C SER B 263 -2.13 -17.60 -7.58
N ASP B 264 -3.09 -17.03 -8.30
CA ASP B 264 -4.02 -16.05 -7.77
C ASP B 264 -5.33 -16.68 -7.32
N ASP B 265 -5.40 -18.01 -7.30
CA ASP B 265 -6.49 -18.72 -6.64
C ASP B 265 -6.22 -18.93 -5.16
N ALA B 266 -5.14 -18.37 -4.63
CA ALA B 266 -4.73 -18.55 -3.24
C ALA B 266 -4.35 -20.00 -2.95
N THR B 267 -3.90 -20.72 -3.98
CA THR B 267 -3.52 -22.12 -3.85
C THR B 267 -2.15 -22.33 -4.50
N CYS B 268 -1.23 -22.93 -3.76
CA CYS B 268 0.03 -23.39 -4.30
C CYS B 268 -0.08 -24.88 -4.62
N ARG B 269 0.47 -25.28 -5.76
CA ARG B 269 0.43 -26.66 -6.21
C ARG B 269 1.84 -27.15 -6.47
N LEU B 270 2.08 -28.43 -6.20
CA LEU B 270 3.37 -29.06 -6.44
C LEU B 270 3.26 -29.95 -7.66
N PHE B 271 4.13 -29.72 -8.64
CA PHE B 271 4.14 -30.47 -9.89
C PHE B 271 5.40 -31.32 -9.96
N ASP B 272 5.26 -32.54 -10.48
CA ASP B 272 6.38 -33.45 -10.68
C ASP B 272 6.66 -33.55 -12.17
N LEU B 273 7.92 -33.34 -12.56
CA LEU B 273 8.27 -33.42 -13.98
C LEU B 273 8.03 -34.82 -14.51
N ARG B 274 8.45 -35.85 -13.77
CA ARG B 274 8.33 -37.22 -14.28
C ARG B 274 6.88 -37.66 -14.37
N ALA B 275 6.10 -37.43 -13.30
CA ALA B 275 4.71 -37.85 -13.31
C ALA B 275 3.84 -36.97 -14.20
N ASP B 276 4.31 -35.79 -14.58
CA ASP B 276 3.59 -34.90 -15.48
C ASP B 276 2.19 -34.58 -14.98
N GLN B 277 2.03 -34.41 -13.66
CA GLN B 277 0.74 -34.12 -13.09
C GLN B 277 0.94 -33.49 -11.72
N GLU B 278 -0.12 -32.85 -11.23
CA GLU B 278 -0.08 -32.25 -9.89
C GLU B 278 0.00 -33.34 -8.84
N LEU B 279 0.78 -33.08 -7.78
CA LEU B 279 0.94 -34.01 -6.68
C LEU B 279 0.14 -33.57 -5.45
N MET B 280 0.37 -32.36 -4.96
CA MET B 280 -0.31 -31.85 -3.79
C MET B 280 -0.68 -30.39 -4.00
N THR B 281 -1.89 -30.03 -3.57
CA THR B 281 -2.40 -28.67 -3.67
C THR B 281 -2.48 -28.09 -2.26
N TYR B 282 -1.75 -26.99 -2.04
CA TYR B 282 -1.73 -26.32 -0.73
C TYR B 282 -2.78 -25.23 -0.66
N SER B 283 -4.04 -25.62 -0.67
CA SER B 283 -5.17 -24.70 -0.62
C SER B 283 -5.89 -24.87 0.71
N HIS B 284 -6.11 -23.75 1.41
CA HIS B 284 -6.80 -23.76 2.69
C HIS B 284 -7.88 -22.70 2.68
N ASP B 285 -9.02 -23.02 3.29
CA ASP B 285 -10.10 -22.06 3.41
C ASP B 285 -9.64 -20.87 4.25
N ASN B 286 -10.42 -19.80 4.21
CA ASN B 286 -10.10 -18.55 4.90
C ASN B 286 -8.85 -17.88 4.34
N ILE B 287 -8.46 -18.24 3.11
CA ILE B 287 -7.35 -17.62 2.41
C ILE B 287 -7.88 -17.22 1.03
N ILE B 288 -8.08 -15.93 0.83
CA ILE B 288 -8.62 -15.42 -0.44
C ILE B 288 -7.59 -14.66 -1.24
N CYS B 289 -6.52 -14.16 -0.63
CA CYS B 289 -5.51 -13.41 -1.35
C CYS B 289 -4.59 -14.35 -2.11
N GLY B 290 -4.26 -13.97 -3.34
CA GLY B 290 -3.44 -14.82 -4.18
C GLY B 290 -1.96 -14.73 -3.83
N ILE B 291 -1.27 -15.83 -3.99
CA ILE B 291 0.16 -15.90 -3.70
C ILE B 291 0.91 -14.97 -4.64
N THR B 292 2.02 -14.42 -4.15
CA THR B 292 2.88 -13.54 -4.92
C THR B 292 4.32 -14.00 -4.97
N SER B 293 4.68 -15.04 -4.22
CA SER B 293 6.04 -15.55 -4.20
C SER B 293 6.00 -16.97 -3.65
N VAL B 294 6.97 -17.79 -4.05
CA VAL B 294 7.11 -19.14 -3.55
C VAL B 294 8.59 -19.49 -3.58
N SER B 295 9.04 -20.27 -2.59
CA SER B 295 10.40 -20.75 -2.57
C SER B 295 10.47 -22.01 -1.71
N PHE B 296 11.51 -22.78 -1.94
CA PHE B 296 11.72 -24.07 -1.29
C PHE B 296 12.81 -23.96 -0.22
N SER B 297 12.82 -24.92 0.69
CA SER B 297 13.86 -24.99 1.69
C SER B 297 15.04 -25.81 1.16
N LYS B 298 16.14 -25.81 1.91
CA LYS B 298 17.34 -26.51 1.43
C LYS B 298 17.07 -28.00 1.25
N SER B 299 16.37 -28.61 2.20
CA SER B 299 15.96 -30.01 2.07
C SER B 299 14.68 -30.18 1.29
N GLY B 300 14.06 -29.09 0.83
CA GLY B 300 12.80 -29.18 0.13
C GLY B 300 11.68 -29.73 0.98
N ARG B 301 11.65 -29.36 2.26
CA ARG B 301 10.61 -29.82 3.18
C ARG B 301 9.54 -28.78 3.45
N LEU B 302 9.89 -27.50 3.50
CA LEU B 302 8.94 -26.43 3.79
C LEU B 302 8.81 -25.54 2.56
N LEU B 303 7.59 -25.39 2.06
CA LEU B 303 7.29 -24.45 0.98
C LEU B 303 6.95 -23.10 1.60
N LEU B 304 7.92 -22.20 1.62
CA LEU B 304 7.71 -20.85 2.15
C LEU B 304 7.09 -19.99 1.06
N ALA B 305 5.78 -19.76 1.16
CA ALA B 305 5.03 -19.05 0.13
C ALA B 305 4.58 -17.71 0.68
N GLY B 306 5.01 -16.62 0.03
CA GLY B 306 4.65 -15.29 0.47
C GLY B 306 3.35 -14.81 -0.15
N TYR B 307 2.30 -14.74 0.65
CA TYR B 307 0.96 -14.44 0.16
C TYR B 307 0.74 -12.94 0.05
N ASP B 308 -0.42 -12.57 -0.47
CA ASP B 308 -0.86 -11.18 -0.55
C ASP B 308 -1.79 -10.79 0.59
N ASP B 309 -1.95 -11.66 1.59
CA ASP B 309 -2.84 -11.43 2.72
C ASP B 309 -2.11 -10.85 3.93
N PHE B 310 -1.12 -9.99 3.70
CA PHE B 310 -0.34 -9.25 4.69
C PHE B 310 0.68 -10.15 5.39
N ASN B 311 0.67 -11.47 5.16
CA ASN B 311 1.50 -12.38 5.95
C ASN B 311 1.84 -13.61 5.14
N CYS B 312 3.13 -13.87 5.00
CA CYS B 312 3.60 -15.09 4.36
C CYS B 312 3.19 -16.31 5.18
N ASN B 313 3.23 -17.47 4.52
CA ASN B 313 2.91 -18.74 5.15
C ASN B 313 4.06 -19.72 4.93
N VAL B 314 4.07 -20.78 5.73
CA VAL B 314 5.03 -21.86 5.57
C VAL B 314 4.24 -23.16 5.43
N TRP B 315 4.39 -23.82 4.30
CA TRP B 315 3.70 -25.06 3.99
C TRP B 315 4.66 -26.22 4.05
N ASP B 316 4.20 -27.36 4.55
CA ASP B 316 4.98 -28.57 4.48
C ASP B 316 4.96 -29.11 3.06
N ALA B 317 6.15 -29.36 2.51
CA ALA B 317 6.25 -29.68 1.09
C ALA B 317 5.51 -30.97 0.75
N LEU B 318 5.64 -32.00 1.58
CA LEU B 318 5.14 -33.32 1.27
C LEU B 318 3.99 -33.77 2.17
N LYS B 319 3.49 -32.90 3.05
CA LYS B 319 2.38 -33.24 3.93
C LYS B 319 1.10 -32.48 3.61
N ALA B 320 1.17 -31.40 2.84
CA ALA B 320 0.00 -30.58 2.53
C ALA B 320 -0.64 -30.06 3.81
N ASP B 321 0.19 -29.64 4.76
CA ASP B 321 -0.27 -29.09 6.02
C ASP B 321 0.47 -27.78 6.30
N ARG B 322 -0.19 -26.87 7.01
CA ARG B 322 0.38 -25.57 7.28
C ARG B 322 1.22 -25.60 8.54
N ALA B 323 2.47 -25.17 8.43
CA ALA B 323 3.35 -24.98 9.57
C ALA B 323 3.19 -23.53 10.05
N GLY B 324 4.10 -23.07 10.90
CA GLY B 324 4.01 -21.74 11.46
C GLY B 324 3.93 -20.62 10.44
N VAL B 325 2.98 -19.71 10.64
CA VAL B 325 2.84 -18.54 9.79
C VAL B 325 3.94 -17.54 10.13
N LEU B 326 4.40 -16.80 9.12
CA LEU B 326 5.44 -15.78 9.31
C LEU B 326 4.81 -14.42 9.04
N ALA B 327 4.19 -13.85 10.08
CA ALA B 327 3.49 -12.58 9.99
C ALA B 327 4.33 -11.51 10.68
N GLY B 328 5.01 -10.68 9.89
CA GLY B 328 5.78 -9.58 10.43
C GLY B 328 5.76 -8.35 9.55
N HIS B 329 4.86 -8.33 8.58
CA HIS B 329 4.78 -7.24 7.61
C HIS B 329 3.41 -6.57 7.70
N ASP B 330 3.41 -5.25 7.64
CA ASP B 330 2.17 -4.47 7.68
C ASP B 330 1.58 -4.23 6.30
N ASN B 331 2.27 -4.63 5.23
CA ASN B 331 1.80 -4.43 3.87
C ASN B 331 1.84 -5.78 3.15
N ARG B 332 1.62 -5.75 1.85
CA ARG B 332 1.66 -6.97 1.05
C ARG B 332 3.09 -7.48 0.95
N VAL B 333 3.23 -8.79 0.77
CA VAL B 333 4.51 -9.43 0.55
C VAL B 333 4.71 -9.59 -0.95
N SER B 334 5.79 -9.02 -1.48
CA SER B 334 6.02 -8.99 -2.92
C SER B 334 7.21 -9.85 -3.37
N CYS B 335 7.96 -10.44 -2.46
CA CYS B 335 9.09 -11.27 -2.85
C CYS B 335 9.39 -12.26 -1.73
N LEU B 336 10.37 -13.13 -2.00
CA LEU B 336 10.76 -14.18 -1.07
C LEU B 336 12.02 -14.82 -1.60
N GLY B 337 12.92 -15.17 -0.69
CA GLY B 337 14.14 -15.86 -1.08
C GLY B 337 14.78 -16.64 0.04
N VAL B 338 15.03 -17.92 -0.18
CA VAL B 338 15.64 -18.79 0.81
C VAL B 338 17.12 -18.94 0.46
N THR B 339 17.97 -18.82 1.47
CA THR B 339 19.40 -18.78 1.22
C THR B 339 19.87 -20.08 0.58
N ASP B 340 20.97 -19.98 -0.18
CA ASP B 340 21.47 -21.16 -0.89
C ASP B 340 21.80 -22.29 0.07
N ASP B 341 22.44 -21.97 1.19
CA ASP B 341 22.71 -22.98 2.22
C ASP B 341 21.54 -23.18 3.16
N GLY B 342 20.46 -22.43 3.00
CA GLY B 342 19.25 -22.66 3.78
C GLY B 342 19.25 -22.06 5.16
N MET B 343 20.21 -21.20 5.48
CA MET B 343 20.33 -20.69 6.84
C MET B 343 19.30 -19.60 7.18
N ALA B 344 18.66 -19.01 6.18
CA ALA B 344 17.69 -17.95 6.46
C ALA B 344 16.77 -17.78 5.26
N VAL B 345 15.61 -17.18 5.53
CA VAL B 345 14.62 -16.87 4.50
C VAL B 345 14.24 -15.41 4.63
N ALA B 346 14.38 -14.66 3.55
CA ALA B 346 14.07 -13.23 3.53
C ALA B 346 12.75 -13.00 2.81
N THR B 347 11.90 -12.15 3.39
CA THR B 347 10.57 -11.87 2.85
C THR B 347 10.39 -10.36 2.76
N GLY B 348 10.78 -9.79 1.63
CA GLY B 348 10.46 -8.40 1.37
C GLY B 348 8.98 -8.19 1.17
N SER B 349 8.55 -6.95 1.36
CA SER B 349 7.12 -6.64 1.31
C SER B 349 6.93 -5.21 0.82
N TRP B 350 5.68 -4.79 0.77
CA TRP B 350 5.32 -3.47 0.25
C TRP B 350 5.41 -2.37 1.29
N ASP B 351 5.79 -2.69 2.53
CA ASP B 351 6.05 -1.68 3.54
C ASP B 351 7.47 -1.13 3.45
N SER B 352 8.23 -1.52 2.43
CA SER B 352 9.57 -1.00 2.15
C SER B 352 10.62 -1.61 3.07
N PHE B 353 10.34 -2.77 3.67
CA PHE B 353 11.27 -3.40 4.62
C PHE B 353 11.53 -4.84 4.22
N LEU B 354 12.80 -5.24 4.30
CA LEU B 354 13.23 -6.63 4.14
C LEU B 354 13.51 -7.23 5.52
N LYS B 355 12.98 -8.43 5.76
CA LYS B 355 13.11 -9.11 7.04
C LYS B 355 13.78 -10.45 6.83
N ILE B 356 14.91 -10.67 7.48
CA ILE B 356 15.67 -11.91 7.35
C ILE B 356 15.20 -12.86 8.44
N TRP B 357 14.18 -13.64 8.16
CA TRP B 357 13.64 -14.58 9.12
C TRP B 357 14.61 -15.75 9.28
N ASN B 358 14.38 -16.56 10.30
CA ASN B 358 15.25 -17.70 10.57
C ASN B 358 14.71 -18.55 11.71
N LYS C 14 0.18 -24.68 -34.45
CA LYS C 14 1.30 -24.97 -33.57
C LYS C 14 0.86 -25.59 -32.26
N LEU C 15 -0.32 -25.21 -31.76
CA LEU C 15 -0.80 -25.77 -30.50
C LEU C 15 -1.04 -27.27 -30.62
N VAL C 16 -1.69 -27.70 -31.69
CA VAL C 16 -1.94 -29.12 -31.88
C VAL C 16 -0.63 -29.86 -32.12
N GLU C 17 0.32 -29.23 -32.82
CA GLU C 17 1.62 -29.88 -33.02
C GLU C 17 2.34 -30.10 -31.70
N GLN C 18 2.34 -29.09 -30.82
CA GLN C 18 2.98 -29.26 -29.52
C GLN C 18 2.25 -30.29 -28.67
N LEU C 19 0.91 -30.29 -28.73
CA LEU C 19 0.16 -31.30 -27.98
C LEU C 19 0.50 -32.70 -28.44
N LYS C 20 0.59 -32.90 -29.77
CA LYS C 20 0.97 -34.21 -30.29
C LYS C 20 2.39 -34.58 -29.88
N MET C 21 3.31 -33.60 -29.91
CA MET C 21 4.68 -33.88 -29.53
C MET C 21 4.79 -34.30 -28.07
N GLU C 22 4.07 -33.61 -27.18
CA GLU C 22 4.17 -33.87 -25.76
C GLU C 22 3.24 -34.98 -25.27
N ALA C 23 2.31 -35.45 -26.12
CA ALA C 23 1.42 -36.53 -25.72
C ALA C 23 2.12 -37.88 -25.69
N ASN C 24 3.25 -38.02 -26.37
CA ASN C 24 4.00 -39.28 -26.41
C ASN C 24 5.17 -39.28 -25.43
N ILE C 25 5.08 -38.43 -24.39
CA ILE C 25 6.16 -38.35 -23.42
C ILE C 25 6.08 -39.54 -22.46
N ASP C 26 7.24 -39.92 -21.92
CA ASP C 26 7.33 -41.05 -21.00
C ASP C 26 6.94 -40.58 -19.60
N ARG C 27 5.90 -41.19 -19.05
CA ARG C 27 5.41 -40.86 -17.72
C ARG C 27 5.44 -42.11 -16.84
N ILE C 28 5.72 -41.89 -15.55
CA ILE C 28 5.79 -42.98 -14.58
C ILE C 28 4.71 -42.76 -13.53
N LYS C 29 4.53 -43.77 -12.68
CA LYS C 29 3.50 -43.74 -11.66
C LYS C 29 3.77 -42.61 -10.66
N VAL C 30 2.69 -42.02 -10.14
CA VAL C 30 2.82 -40.98 -9.13
C VAL C 30 3.51 -41.53 -7.89
N SER C 31 3.33 -42.81 -7.60
CA SER C 31 3.95 -43.40 -6.41
C SER C 31 5.47 -43.34 -6.50
N LYS C 32 6.03 -43.55 -7.69
CA LYS C 32 7.48 -43.53 -7.84
C LYS C 32 8.04 -42.14 -7.54
N ALA C 33 7.45 -41.11 -8.11
CA ALA C 33 7.89 -39.74 -7.83
C ALA C 33 7.68 -39.40 -6.36
N ALA C 34 6.55 -39.82 -5.79
CA ALA C 34 6.32 -39.59 -4.38
C ALA C 34 7.41 -40.22 -3.51
N ALA C 35 7.80 -41.45 -3.82
CA ALA C 35 8.85 -42.11 -3.07
C ALA C 35 10.19 -41.42 -3.28
N ASP C 36 10.44 -40.91 -4.48
CA ASP C 36 11.67 -40.15 -4.71
C ASP C 36 11.71 -38.94 -3.80
N LEU C 37 10.59 -38.21 -3.70
CA LEU C 37 10.52 -37.05 -2.82
C LEU C 37 10.69 -37.46 -1.36
N MET C 38 10.06 -38.55 -0.96
CA MET C 38 10.23 -39.04 0.41
C MET C 38 11.70 -39.31 0.71
N ALA C 39 12.38 -40.01 -0.21
CA ALA C 39 13.79 -40.31 0.01
C ALA C 39 14.60 -39.04 0.12
N TYR C 40 14.34 -38.06 -0.75
CA TYR C 40 15.12 -36.83 -0.70
C TYR C 40 14.91 -36.09 0.61
N CYS C 41 13.66 -35.85 0.99
CA CYS C 41 13.37 -35.07 2.19
C CYS C 41 13.53 -35.87 3.48
N GLU C 42 13.83 -37.17 3.40
CA GLU C 42 14.24 -37.94 4.56
C GLU C 42 15.75 -38.06 4.67
N ALA C 43 16.47 -37.95 3.54
CA ALA C 43 17.92 -37.98 3.57
C ALA C 43 18.53 -36.61 3.88
N HIS C 44 17.93 -35.53 3.40
CA HIS C 44 18.47 -34.20 3.59
C HIS C 44 17.85 -33.44 4.75
N ALA C 45 16.93 -34.05 5.49
CA ALA C 45 16.27 -33.36 6.60
C ALA C 45 17.22 -33.04 7.74
N LYS C 46 18.42 -33.64 7.78
CA LYS C 46 19.38 -33.40 8.84
C LYS C 46 20.34 -32.26 8.54
N GLU C 47 20.15 -31.56 7.41
CA GLU C 47 21.06 -30.48 7.02
C GLU C 47 20.32 -29.24 6.57
N ASP C 48 19.02 -29.14 6.82
CA ASP C 48 18.27 -27.91 6.57
C ASP C 48 17.97 -27.25 7.91
N PRO C 49 18.50 -26.04 8.20
CA PRO C 49 18.24 -25.39 9.48
C PRO C 49 16.91 -24.63 9.52
N LEU C 50 15.83 -25.34 9.23
CA LEU C 50 14.49 -24.75 9.32
C LEU C 50 13.53 -25.72 9.99
N THR D 39 0.44 31.21 50.28
CA THR D 39 0.68 32.63 50.10
C THR D 39 0.46 33.40 51.40
N TRP D 40 1.50 34.05 51.93
CA TRP D 40 1.40 34.69 53.24
C TRP D 40 0.17 35.57 53.37
N ASP D 41 -0.17 36.29 52.31
CA ASP D 41 -1.39 37.09 52.32
C ASP D 41 -2.62 36.21 52.08
N GLY D 42 -2.48 35.19 51.23
CA GLY D 42 -3.59 34.26 51.05
C GLY D 42 -3.97 33.56 52.34
N ASP D 43 -3.00 33.08 53.12
CA ASP D 43 -3.34 32.50 54.39
C ASP D 43 -4.02 33.59 55.21
N GLU D 44 -3.38 34.74 55.31
CA GLU D 44 -3.93 35.78 56.17
C GLU D 44 -5.42 35.94 55.91
N LEU D 45 -5.77 36.12 54.65
CA LEU D 45 -7.18 36.31 54.29
C LEU D 45 -8.00 35.06 54.59
N GLY D 46 -7.42 33.88 54.34
CA GLY D 46 -8.11 32.64 54.65
C GLY D 46 -8.37 32.52 56.14
N TYR D 47 -7.50 33.13 56.94
CA TYR D 47 -7.76 33.30 58.36
C TYR D 47 -8.85 34.33 58.61
N ARG D 48 -8.94 35.33 57.75
CA ARG D 48 -9.90 36.42 57.98
C ARG D 48 -11.21 36.12 57.31
N CYS D 49 -11.19 35.89 56.01
CA CYS D 49 -12.41 35.48 55.34
C CYS D 49 -12.99 34.24 55.99
N ARG D 50 -12.09 33.37 56.47
CA ARG D 50 -12.51 32.12 57.11
C ARG D 50 -13.47 31.42 56.21
N PHE D 51 -13.12 31.35 54.95
CA PHE D 51 -13.94 30.66 53.96
C PHE D 51 -13.14 29.59 53.22
N ASN D 52 -11.97 29.26 53.75
CA ASN D 52 -11.15 28.22 53.13
C ASN D 52 -11.67 26.86 53.52
N GLU D 53 -12.50 26.27 52.68
CA GLU D 53 -13.09 24.97 53.01
C GLU D 53 -12.11 23.83 52.79
N ASP D 54 -11.82 23.09 53.84
CA ASP D 54 -10.95 21.93 53.70
C ASP D 54 -11.62 20.92 52.78
N PHE D 55 -12.95 20.88 52.83
CA PHE D 55 -13.69 19.97 51.97
C PHE D 55 -13.12 19.97 50.57
N LYS D 56 -12.89 21.15 50.01
CA LYS D 56 -12.32 21.25 48.68
C LYS D 56 -10.83 20.94 48.69
N TYR D 57 -10.13 21.33 49.77
CA TYR D 57 -8.73 20.92 49.89
C TYR D 57 -8.60 19.41 49.93
N VAL D 58 -9.58 18.71 50.54
CA VAL D 58 -9.49 17.25 50.58
C VAL D 58 -10.10 16.58 49.35
N LEU D 59 -10.85 17.31 48.52
CA LEU D 59 -11.25 16.72 47.24
C LEU D 59 -10.15 16.91 46.19
N LEU D 60 -9.31 17.94 46.33
CA LEU D 60 -8.21 18.12 45.39
C LEU D 60 -7.34 16.88 45.23
N PRO D 61 -6.91 16.19 46.29
CA PRO D 61 -6.08 14.98 46.09
C PRO D 61 -6.77 13.90 45.28
N VAL D 62 -8.07 13.67 45.43
CA VAL D 62 -8.70 12.60 44.66
C VAL D 62 -8.76 12.98 43.18
N SER D 63 -9.01 14.25 42.88
CA SER D 63 -8.97 14.71 41.50
C SER D 63 -7.56 14.55 40.92
N TYR D 64 -6.54 14.91 41.70
CA TYR D 64 -5.17 14.73 41.24
C TYR D 64 -4.86 13.26 40.99
N GLY D 65 -5.32 12.38 41.88
CA GLY D 65 -5.06 10.96 41.69
C GLY D 65 -5.77 10.39 40.48
N VAL D 66 -7.01 10.85 40.23
CA VAL D 66 -7.71 10.45 39.03
C VAL D 66 -6.94 10.91 37.79
N VAL D 67 -6.52 12.16 37.77
CA VAL D 67 -5.73 12.64 36.63
C VAL D 67 -4.50 11.77 36.47
N CYS D 68 -3.84 11.44 37.58
CA CYS D 68 -2.63 10.62 37.53
C CYS D 68 -2.91 9.25 36.92
N VAL D 69 -3.93 8.55 37.40
CA VAL D 69 -4.16 7.17 37.01
C VAL D 69 -4.63 7.10 35.55
N LEU D 70 -5.59 7.96 35.17
CA LEU D 70 -6.01 7.96 33.77
C LEU D 70 -4.87 8.38 32.84
N GLY D 71 -4.08 9.38 33.23
CA GLY D 71 -2.95 9.76 32.41
C GLY D 71 -1.96 8.63 32.26
N LEU D 72 -1.64 7.95 33.36
CA LEU D 72 -0.71 6.83 33.30
C LEU D 72 -1.22 5.76 32.35
N CYS D 73 -2.49 5.39 32.48
CA CYS D 73 -3.05 4.34 31.62
C CYS D 73 -3.00 4.74 30.15
N LEU D 74 -3.55 5.92 29.83
CA LEU D 74 -3.62 6.32 28.42
C LEU D 74 -2.24 6.52 27.83
N ASN D 75 -1.31 7.11 28.58
CA ASN D 75 0.03 7.35 28.07
C ASN D 75 0.81 6.06 27.93
N ALA D 76 0.62 5.09 28.84
CA ALA D 76 1.26 3.80 28.66
C ALA D 76 0.74 3.11 27.40
N VAL D 77 -0.57 3.15 27.18
CA VAL D 77 -1.13 2.55 25.96
C VAL D 77 -0.53 3.23 24.73
N ALA D 78 -0.49 4.56 24.73
CA ALA D 78 0.02 5.30 23.59
C ALA D 78 1.50 5.02 23.36
N LEU D 79 2.29 4.97 24.43
CA LEU D 79 3.71 4.67 24.31
C LEU D 79 3.92 3.28 23.71
N TYR D 80 3.22 2.29 24.24
CA TYR D 80 3.35 0.93 23.71
C TYR D 80 2.99 0.89 22.23
N ILE D 81 1.85 1.49 21.87
CA ILE D 81 1.46 1.48 20.47
C ILE D 81 2.54 2.14 19.62
N PHE D 82 2.92 3.38 19.96
CA PHE D 82 3.81 4.16 19.12
C PHE D 82 5.17 3.49 18.95
N LEU D 83 5.66 2.79 19.97
CA LEU D 83 7.00 2.23 19.90
C LEU D 83 7.01 0.77 19.45
N CYS D 84 6.26 -0.10 20.11
CA CYS D 84 6.32 -1.53 19.85
C CYS D 84 5.16 -2.02 18.96
N ARG D 85 4.34 -1.12 18.42
CA ARG D 85 3.23 -1.53 17.58
C ARG D 85 3.03 -0.62 16.38
N LEU D 86 4.05 0.14 15.97
CA LEU D 86 3.94 1.07 14.84
C LEU D 86 5.25 1.08 14.08
N LYS D 87 5.16 1.17 12.76
CA LYS D 87 6.31 1.24 11.89
C LYS D 87 6.40 2.50 11.05
N THR D 88 5.29 3.21 10.86
CA THR D 88 5.27 4.45 10.09
C THR D 88 5.21 5.64 11.04
N TRP D 89 6.14 6.57 10.87
CA TRP D 89 6.24 7.75 11.71
C TRP D 89 6.25 9.00 10.84
N ASN D 90 5.51 10.01 11.27
CA ASN D 90 5.52 11.32 10.62
C ASN D 90 5.66 12.40 11.67
N ALA D 91 5.64 13.67 11.25
CA ALA D 91 5.81 14.76 12.20
C ALA D 91 4.72 14.76 13.25
N SER D 92 3.46 14.56 12.84
CA SER D 92 2.36 14.58 13.80
C SER D 92 2.51 13.46 14.82
N THR D 93 2.77 12.23 14.35
CA THR D 93 2.95 11.12 15.27
C THR D 93 4.17 11.32 16.14
N THR D 94 5.25 11.85 15.55
CA THR D 94 6.44 12.17 16.34
C THR D 94 6.08 13.07 17.52
N TYR D 95 5.41 14.18 17.23
CA TYR D 95 5.04 15.10 18.30
C TYR D 95 4.10 14.44 19.30
N MET D 96 3.13 13.66 18.83
CA MET D 96 2.16 13.06 19.73
C MET D 96 2.84 12.14 20.73
N PHE D 97 3.58 11.13 20.22
CA PHE D 97 4.34 10.27 21.11
C PHE D 97 5.30 11.08 21.99
N HIS D 98 5.91 12.10 21.42
CA HIS D 98 7.09 12.68 22.02
C HIS D 98 6.71 13.68 23.10
N LEU D 99 5.45 14.12 23.13
CA LEU D 99 4.90 14.82 24.28
C LEU D 99 4.12 13.88 25.19
N ALA D 100 3.64 12.74 24.67
CA ALA D 100 3.04 11.74 25.54
C ALA D 100 4.06 11.18 26.52
N VAL D 101 5.33 11.11 26.11
CA VAL D 101 6.37 10.69 27.05
C VAL D 101 6.47 11.70 28.21
N SER D 102 6.46 12.99 27.89
CA SER D 102 6.50 14.01 28.94
C SER D 102 5.30 13.90 29.85
N ASP D 103 4.12 13.72 29.27
CA ASP D 103 2.91 13.63 30.06
C ASP D 103 2.91 12.38 30.94
N ALA D 104 3.52 11.29 30.45
CA ALA D 104 3.67 10.10 31.27
C ALA D 104 4.63 10.36 32.43
N LEU D 105 5.71 11.09 32.19
CA LEU D 105 6.61 11.43 33.28
C LEU D 105 5.90 12.27 34.34
N TYR D 106 5.12 13.26 33.90
CA TYR D 106 4.38 14.08 34.85
C TYR D 106 3.36 13.24 35.61
N ALA D 107 2.70 12.30 34.94
CA ALA D 107 1.78 11.41 35.63
C ALA D 107 2.51 10.58 36.67
N ALA D 108 3.71 10.09 36.34
CA ALA D 108 4.48 9.28 37.27
C ALA D 108 4.91 10.09 38.49
N SER D 109 5.16 11.39 38.31
CA SER D 109 5.53 12.24 39.44
C SER D 109 4.33 12.83 40.18
N LEU D 110 3.13 12.73 39.62
CA LEU D 110 1.93 13.19 40.33
C LEU D 110 1.70 12.54 41.69
N PRO D 111 1.89 11.23 41.88
CA PRO D 111 1.56 10.64 43.20
C PRO D 111 2.29 11.29 44.36
N LEU D 112 3.46 11.87 44.13
CA LEU D 112 4.09 12.65 45.20
C LEU D 112 3.17 13.77 45.65
N LEU D 113 2.56 14.48 44.71
CA LEU D 113 1.68 15.57 45.07
C LEU D 113 0.35 15.06 45.64
N VAL D 114 -0.14 13.92 45.14
CA VAL D 114 -1.42 13.43 45.67
C VAL D 114 -1.23 13.08 47.15
N TYR D 115 -0.10 12.45 47.50
CA TYR D 115 0.17 12.20 48.92
C TYR D 115 0.38 13.51 49.67
N TYR D 116 1.12 14.44 49.07
CA TYR D 116 1.36 15.74 49.70
C TYR D 116 0.06 16.43 50.10
N TYR D 117 -0.99 16.27 49.27
CA TYR D 117 -2.24 16.96 49.54
C TYR D 117 -3.25 16.09 50.29
N ALA D 118 -3.04 14.78 50.32
CA ALA D 118 -4.05 13.86 50.83
C ALA D 118 -3.84 13.50 52.30
N ARG D 119 -2.72 12.86 52.63
CA ARG D 119 -2.51 12.38 53.98
C ARG D 119 -2.50 13.54 54.98
N GLY D 120 -1.79 14.61 54.64
CA GLY D 120 -1.79 15.80 55.47
C GLY D 120 -1.35 16.97 54.62
N ASP D 121 -1.66 18.17 55.11
CA ASP D 121 -1.40 19.38 54.36
C ASP D 121 0.05 19.81 54.57
N HIS D 122 0.84 19.75 53.50
CA HIS D 122 2.18 20.32 53.46
C HIS D 122 3.13 19.64 54.45
N TRP D 123 3.36 18.35 54.22
CA TRP D 123 4.43 17.62 54.90
C TRP D 123 5.12 16.71 53.88
N PRO D 124 5.91 17.28 52.98
CA PRO D 124 6.54 16.48 51.93
C PRO D 124 7.71 15.66 52.47
N PHE D 125 8.14 14.69 51.66
CA PHE D 125 9.30 13.89 52.02
C PHE D 125 10.56 14.74 52.11
N SER D 126 10.76 15.63 51.14
CA SER D 126 11.91 16.53 51.14
C SER D 126 11.54 17.81 50.41
N THR D 127 12.28 18.88 50.71
CA THR D 127 12.07 20.14 50.01
C THR D 127 12.43 19.98 48.52
N VAL D 128 13.51 19.26 48.24
CA VAL D 128 13.92 19.06 46.84
C VAL D 128 12.86 18.26 46.08
N LEU D 129 12.19 17.33 46.76
CA LEU D 129 11.17 16.53 46.10
C LEU D 129 10.03 17.40 45.59
N CYS D 130 9.54 18.32 46.43
CA CYS D 130 8.44 19.18 45.99
C CYS D 130 8.93 20.24 45.02
N LYS D 131 10.18 20.68 45.18
CA LYS D 131 10.81 21.51 44.16
C LYS D 131 10.70 20.86 42.79
N LEU D 132 11.10 19.59 42.71
CA LEU D 132 11.07 18.85 41.46
C LEU D 132 9.63 18.66 40.97
N VAL D 133 8.70 18.39 41.89
CA VAL D 133 7.31 18.20 41.49
C VAL D 133 6.78 19.46 40.83
N ARG D 134 7.01 20.62 41.46
CA ARG D 134 6.51 21.87 40.89
C ARG D 134 7.16 22.17 39.54
N PHE D 135 8.48 21.99 39.46
CA PHE D 135 9.17 22.28 38.21
C PHE D 135 8.71 21.35 37.10
N LEU D 136 8.47 20.08 37.44
CA LEU D 136 7.93 19.13 36.46
C LEU D 136 6.54 19.55 36.00
N PHE D 137 5.69 20.02 36.91
CA PHE D 137 4.37 20.46 36.50
C PHE D 137 4.47 21.61 35.50
N TYR D 138 5.28 22.61 35.80
CA TYR D 138 5.38 23.74 34.90
C TYR D 138 5.97 23.34 33.55
N THR D 139 7.04 22.54 33.55
CA THR D 139 7.63 22.16 32.28
C THR D 139 6.69 21.27 31.48
N ASN D 140 5.88 20.43 32.15
CA ASN D 140 4.88 19.65 31.44
C ASN D 140 3.83 20.56 30.80
N LEU D 141 3.39 21.59 31.51
CA LEU D 141 2.41 22.50 30.94
C LEU D 141 2.96 23.18 29.69
N TYR D 142 4.18 23.69 29.79
CA TYR D 142 4.74 24.41 28.64
C TYR D 142 5.11 23.47 27.50
N CYS D 143 5.45 22.21 27.81
CA CYS D 143 5.65 21.23 26.75
C CYS D 143 4.34 20.91 26.05
N SER D 144 3.26 20.72 26.81
CA SER D 144 1.98 20.50 26.18
C SER D 144 1.63 21.65 25.26
N ILE D 145 1.83 22.89 25.73
CA ILE D 145 1.52 24.04 24.91
C ILE D 145 2.38 24.05 23.64
N LEU D 146 3.71 23.91 23.80
CA LEU D 146 4.59 24.04 22.65
C LEU D 146 4.41 22.90 21.66
N PHE D 147 4.27 21.67 22.14
CA PHE D 147 4.12 20.56 21.21
C PHE D 147 2.74 20.58 20.55
N LEU D 148 1.70 20.99 21.27
CA LEU D 148 0.39 21.08 20.65
C LEU D 148 0.36 22.18 19.60
N THR D 149 1.00 23.33 19.87
CA THR D 149 1.02 24.39 18.87
C THR D 149 1.92 24.03 17.70
N CYS D 150 2.99 23.25 17.94
CA CYS D 150 3.79 22.76 16.82
C CYS D 150 2.99 21.80 15.95
N ILE D 151 2.24 20.90 16.57
CA ILE D 151 1.35 20.03 15.82
C ILE D 151 0.36 20.86 15.01
N SER D 152 -0.17 21.91 15.63
CA SER D 152 -1.15 22.76 14.94
C SER D 152 -0.52 23.46 13.74
N VAL D 153 0.69 24.00 13.92
CA VAL D 153 1.36 24.69 12.82
C VAL D 153 1.63 23.72 11.67
N HIS D 154 2.10 22.52 12.01
CA HIS D 154 2.37 21.52 10.98
C HIS D 154 1.08 21.15 10.24
N ARG D 155 -0.01 20.96 10.98
CA ARG D 155 -1.28 20.60 10.36
C ARG D 155 -1.79 21.72 9.46
N CYS D 156 -1.59 22.98 9.86
CA CYS D 156 -2.03 24.10 9.05
C CYS D 156 -1.20 24.22 7.79
N LEU D 157 0.11 23.98 7.90
CA LEU D 157 0.95 23.98 6.71
C LEU D 157 0.50 22.88 5.76
N GLY D 158 0.08 21.75 6.31
CA GLY D 158 -0.38 20.65 5.47
C GLY D 158 -1.73 20.90 4.83
N VAL D 159 -2.60 21.66 5.48
CA VAL D 159 -3.95 21.88 4.96
C VAL D 159 -4.04 23.13 4.10
N LEU D 160 -3.19 24.13 4.33
CA LEU D 160 -3.27 25.37 3.58
C LEU D 160 -2.64 25.21 2.19
N ARG D 161 -1.37 24.87 2.14
CA ARG D 161 -0.60 24.78 0.90
C ARG D 161 0.05 23.40 0.85
N PRO D 162 -0.71 22.35 0.51
CA PRO D 162 -0.15 20.99 0.62
C PRO D 162 1.04 20.75 -0.29
N LEU D 163 0.93 21.06 -1.58
CA LEU D 163 2.00 20.73 -2.51
C LEU D 163 3.28 21.45 -2.17
N ARG D 164 3.22 22.78 -2.01
CA ARG D 164 4.43 23.53 -1.71
C ARG D 164 4.97 23.18 -0.32
N SER D 165 4.08 22.91 0.63
CA SER D 165 4.54 22.50 1.96
C SER D 165 5.34 21.21 1.88
N LEU D 166 4.86 20.23 1.10
CA LEU D 166 5.65 19.03 0.86
C LEU D 166 6.93 19.33 0.08
N ARG D 167 6.92 20.40 -0.72
CA ARG D 167 8.08 20.71 -1.55
C ARG D 167 9.36 20.84 -0.73
N TRP D 168 9.31 21.63 0.35
CA TRP D 168 10.51 21.90 1.14
C TRP D 168 10.72 20.91 2.28
N GLY D 169 9.93 19.84 2.32
CA GLY D 169 10.22 18.74 3.22
C GLY D 169 10.02 19.06 4.69
N ARG D 170 8.78 19.24 5.11
CA ARG D 170 8.50 19.43 6.53
C ARG D 170 9.03 18.27 7.36
N ALA D 171 9.03 17.06 6.82
CA ALA D 171 9.53 15.92 7.54
C ALA D 171 11.04 16.04 7.77
N ARG D 172 11.56 15.18 8.64
CA ARG D 172 12.96 15.14 9.03
C ARG D 172 13.35 16.30 9.95
N TYR D 173 12.41 17.21 10.24
CA TYR D 173 12.65 18.33 11.13
C TYR D 173 11.82 18.26 12.41
N ALA D 174 10.93 17.26 12.52
CA ALA D 174 10.18 17.11 13.75
C ALA D 174 11.09 16.88 14.94
N ARG D 175 12.11 16.02 14.77
CA ARG D 175 13.05 15.75 15.85
C ARG D 175 13.82 17.00 16.23
N ARG D 176 14.23 17.81 15.25
CA ARG D 176 14.98 19.03 15.54
C ARG D 176 14.11 20.02 16.30
N VAL D 177 12.90 20.29 15.81
CA VAL D 177 12.01 21.21 16.50
C VAL D 177 11.71 20.70 17.90
N ALA D 178 11.54 19.39 18.04
CA ALA D 178 11.24 18.80 19.35
C ALA D 178 12.38 19.00 20.33
N GLY D 179 13.60 18.68 19.91
CA GLY D 179 14.75 18.93 20.78
C GLY D 179 14.90 20.39 21.12
N ALA D 180 14.61 21.27 20.16
CA ALA D 180 14.70 22.70 20.43
C ALA D 180 13.71 23.12 21.52
N VAL D 181 12.46 22.67 21.43
CA VAL D 181 11.48 23.07 22.43
C VAL D 181 11.80 22.44 23.79
N TRP D 182 12.29 21.19 23.80
CA TRP D 182 12.72 20.58 25.05
C TRP D 182 13.83 21.38 25.71
N VAL D 183 14.86 21.74 24.94
CA VAL D 183 15.95 22.53 25.50
C VAL D 183 15.42 23.86 26.00
N LEU D 184 14.53 24.49 25.23
CA LEU D 184 13.99 25.78 25.61
C LEU D 184 13.27 25.70 26.96
N VAL D 185 12.33 24.77 27.10
CA VAL D 185 11.56 24.68 28.33
C VAL D 185 12.46 24.28 29.50
N LEU D 186 13.36 23.33 29.29
CA LEU D 186 14.22 22.89 30.39
C LEU D 186 15.12 24.03 30.87
N ALA D 187 15.68 24.81 29.94
CA ALA D 187 16.55 25.91 30.33
C ALA D 187 15.78 27.09 30.88
N CYS D 188 14.51 27.25 30.49
CA CYS D 188 13.73 28.41 30.90
C CYS D 188 12.93 28.18 32.18
N GLN D 189 12.76 26.92 32.60
CA GLN D 189 12.06 26.62 33.84
C GLN D 189 13.00 26.49 35.02
N ALA D 190 14.30 26.67 34.83
CA ALA D 190 15.22 26.68 35.97
C ALA D 190 14.85 27.74 37.00
N PRO D 191 14.46 28.96 36.63
CA PRO D 191 14.00 29.91 37.65
C PRO D 191 12.83 29.39 38.47
N VAL D 192 11.94 28.58 37.88
CA VAL D 192 10.89 27.95 38.68
C VAL D 192 11.51 27.06 39.74
N LEU D 193 12.52 26.27 39.37
CA LEU D 193 13.20 25.45 40.35
C LEU D 193 13.76 26.31 41.47
N TYR D 194 14.57 27.31 41.13
CA TYR D 194 15.27 28.06 42.17
C TYR D 194 14.32 28.88 43.02
N PHE D 195 13.21 29.35 42.46
CA PHE D 195 12.30 30.21 43.22
C PHE D 195 11.59 29.45 44.32
N VAL D 196 11.05 28.27 44.00
CA VAL D 196 10.18 27.56 44.92
C VAL D 196 11.00 26.92 46.04
N THR D 197 10.52 27.08 47.27
CA THR D 197 11.18 26.50 48.43
C THR D 197 10.13 26.25 49.51
N THR D 198 10.43 25.31 50.40
CA THR D 198 9.53 24.97 51.49
C THR D 198 9.72 25.94 52.66
N SER D 199 8.68 26.03 53.49
CA SER D 199 8.71 26.93 54.65
C SER D 199 7.89 26.28 55.76
N ALA D 200 8.57 25.74 56.75
CA ALA D 200 7.90 25.09 57.87
C ALA D 200 8.32 25.73 59.20
N THR D 206 3.52 24.40 53.39
CA THR D 206 4.96 24.37 53.63
C THR D 206 5.71 24.55 52.32
N CYS D 207 5.52 23.62 51.38
CA CYS D 207 6.10 23.77 50.05
C CYS D 207 5.35 24.89 49.34
N HIS D 208 5.85 26.11 49.52
CA HIS D 208 5.15 27.27 48.98
C HIS D 208 4.94 27.26 47.49
N ASP D 209 3.73 27.57 47.07
CA ASP D 209 3.47 27.68 45.63
C ASP D 209 4.27 28.81 45.01
N THR D 210 4.33 29.95 45.69
CA THR D 210 5.14 31.08 45.22
C THR D 210 6.55 30.95 45.78
N SER D 211 7.37 31.99 45.55
CA SER D 211 8.77 31.92 45.96
C SER D 211 8.95 32.29 47.43
N ALA D 212 8.67 33.55 47.78
CA ALA D 212 8.84 34.05 49.12
C ALA D 212 8.43 35.53 49.12
N PRO D 213 8.17 36.11 50.30
CA PRO D 213 7.89 37.56 50.33
C PRO D 213 9.00 38.39 49.74
N GLU D 214 10.26 38.01 49.96
CA GLU D 214 11.37 38.81 49.46
C GLU D 214 11.44 38.79 47.94
N LEU D 215 11.20 37.63 47.32
CA LEU D 215 11.36 37.45 45.89
C LEU D 215 10.04 37.49 45.13
N PHE D 216 8.96 37.92 45.77
CA PHE D 216 7.66 37.90 45.12
C PHE D 216 7.61 38.84 43.91
N SER D 217 8.32 39.97 43.97
CA SER D 217 8.33 40.88 42.83
C SER D 217 8.95 40.20 41.60
N ARG D 218 10.10 39.55 41.80
CA ARG D 218 10.73 38.83 40.71
C ARG D 218 9.86 37.67 40.25
N PHE D 219 9.16 37.02 41.17
CA PHE D 219 8.25 35.94 40.78
C PHE D 219 7.13 36.47 39.89
N VAL D 220 6.57 37.63 40.22
CA VAL D 220 5.51 38.20 39.41
C VAL D 220 6.05 38.58 38.04
N ALA D 221 7.24 39.19 37.99
CA ALA D 221 7.83 39.53 36.70
C ALA D 221 8.05 38.27 35.87
N TYR D 222 8.59 37.22 36.47
CA TYR D 222 8.85 35.98 35.75
C TYR D 222 7.56 35.34 35.26
N SER D 223 6.52 35.32 36.11
CA SER D 223 5.25 34.73 35.70
C SER D 223 4.62 35.51 34.55
N SER D 224 4.67 36.85 34.61
CA SER D 224 4.13 37.64 33.53
C SER D 224 4.90 37.39 32.23
N VAL D 225 6.22 37.32 32.33
CA VAL D 225 7.03 37.07 31.13
C VAL D 225 6.69 35.70 30.54
N MET D 226 6.62 34.68 31.38
CA MET D 226 6.33 33.34 30.88
C MET D 226 4.93 33.30 30.28
N LEU D 227 3.95 33.93 30.91
CA LEU D 227 2.64 34.03 30.30
C LEU D 227 2.75 34.61 28.91
N GLY D 228 3.18 35.88 28.82
CA GLY D 228 3.21 36.57 27.55
C GLY D 228 4.02 35.87 26.48
N LEU D 229 5.03 35.08 26.85
CA LEU D 229 5.86 34.43 25.86
C LEU D 229 5.35 33.04 25.50
N LEU D 230 5.26 32.14 26.47
CA LEU D 230 4.98 30.73 26.20
C LEU D 230 3.52 30.37 26.30
N PHE D 231 2.61 31.32 26.51
CA PHE D 231 1.19 31.05 26.33
C PHE D 231 0.54 32.01 25.34
N ALA D 232 0.76 33.31 25.50
CA ALA D 232 0.10 34.28 24.64
C ALA D 232 0.52 34.11 23.18
N VAL D 233 1.81 33.90 22.94
CA VAL D 233 2.30 33.77 21.57
C VAL D 233 1.91 32.40 21.03
N PRO D 234 2.16 31.29 21.73
CA PRO D 234 1.62 30.00 21.26
C PRO D 234 0.11 29.97 21.14
N PHE D 235 -0.62 30.60 22.07
CA PHE D 235 -2.08 30.61 21.95
C PHE D 235 -2.51 31.41 20.73
N ALA D 236 -1.88 32.56 20.48
CA ALA D 236 -2.19 33.33 19.28
C ALA D 236 -1.85 32.52 18.02
N VAL D 237 -0.73 31.81 18.06
CA VAL D 237 -0.31 31.02 16.90
C VAL D 237 -1.36 29.96 16.59
N ILE D 238 -1.76 29.20 17.61
CA ILE D 238 -2.75 28.15 17.37
C ILE D 238 -4.08 28.75 16.95
N LEU D 239 -4.46 29.91 17.51
CA LEU D 239 -5.72 30.53 17.12
C LEU D 239 -5.71 30.91 15.65
N VAL D 240 -4.68 31.63 15.21
CA VAL D 240 -4.59 32.04 13.81
C VAL D 240 -4.55 30.80 12.91
N CYS D 241 -3.73 29.83 13.30
CA CYS D 241 -3.60 28.58 12.57
C CYS D 241 -4.96 27.91 12.36
N TYR D 242 -5.70 27.70 13.45
CA TYR D 242 -6.90 26.88 13.37
C TYR D 242 -8.04 27.64 12.72
N VAL D 243 -8.10 28.96 12.91
CA VAL D 243 -9.11 29.73 12.19
C VAL D 243 -8.81 29.75 10.70
N LEU D 244 -7.53 29.77 10.34
CA LEU D 244 -7.17 29.70 8.92
C LEU D 244 -7.65 28.39 8.30
N MET D 245 -7.38 27.26 8.96
CA MET D 245 -7.87 26.01 8.39
C MET D 245 -9.40 25.93 8.41
N ALA D 246 -10.04 26.51 9.43
CA ALA D 246 -11.50 26.52 9.43
C ALA D 246 -12.05 27.27 8.21
N ARG D 247 -11.48 28.45 7.93
CA ARG D 247 -11.94 29.23 6.79
C ARG D 247 -11.66 28.51 5.48
N ARG D 248 -10.49 27.86 5.35
CA ARG D 248 -10.21 27.15 4.10
C ARG D 248 -11.06 25.90 3.93
N LEU D 249 -11.42 25.23 5.03
CA LEU D 249 -12.22 24.02 4.94
C LEU D 249 -13.67 24.34 4.62
N LEU D 250 -14.22 25.39 5.25
CA LEU D 250 -15.62 25.72 5.00
C LEU D 250 -15.84 26.25 3.59
N LYS D 251 -14.79 26.64 2.88
CA LYS D 251 -14.92 27.13 1.51
C LYS D 251 -15.37 26.00 0.59
N ALA D 263 -17.73 15.25 5.11
CA ALA D 263 -16.40 15.16 5.69
C ALA D 263 -15.96 16.51 6.25
N LYS D 264 -16.32 17.59 5.53
CA LYS D 264 -15.94 18.93 5.97
C LYS D 264 -16.57 19.25 7.33
N ARG D 265 -17.83 18.88 7.52
CA ARG D 265 -18.48 19.13 8.81
C ARG D 265 -17.77 18.39 9.94
N LYS D 266 -17.41 17.13 9.70
CA LYS D 266 -16.69 16.36 10.72
C LYS D 266 -15.33 16.99 11.02
N SER D 267 -14.63 17.44 9.97
CA SER D 267 -13.33 18.07 10.18
C SER D 267 -13.47 19.34 11.00
N VAL D 268 -14.48 20.17 10.70
CA VAL D 268 -14.69 21.40 11.45
C VAL D 268 -15.06 21.08 12.89
N ARG D 269 -15.85 20.02 13.10
CA ARG D 269 -16.18 19.60 14.46
C ARG D 269 -14.92 19.22 15.24
N THR D 270 -14.08 18.37 14.63
CA THR D 270 -12.83 17.99 15.29
C THR D 270 -12.00 19.23 15.59
N ILE D 271 -12.00 20.19 14.68
CA ILE D 271 -11.16 21.37 14.85
C ILE D 271 -11.64 22.20 16.02
N ALA D 272 -12.95 22.44 16.08
CA ALA D 272 -13.53 23.15 17.20
C ALA D 272 -13.25 22.42 18.51
N VAL D 273 -13.36 21.10 18.51
CA VAL D 273 -13.12 20.33 19.74
C VAL D 273 -11.67 20.51 20.21
N VAL D 274 -10.72 20.41 19.28
CA VAL D 274 -9.31 20.51 19.67
C VAL D 274 -9.01 21.90 20.22
N LEU D 275 -9.45 22.93 19.50
CA LEU D 275 -9.17 24.29 19.96
C LEU D 275 -9.87 24.57 21.29
N ALA D 276 -11.09 24.08 21.45
CA ALA D 276 -11.82 24.27 22.69
C ALA D 276 -11.12 23.58 23.85
N VAL D 277 -10.61 22.37 23.62
CA VAL D 277 -9.91 21.65 24.69
C VAL D 277 -8.67 22.43 25.10
N PHE D 278 -7.85 22.84 24.12
CA PHE D 278 -6.64 23.58 24.45
C PHE D 278 -6.96 24.84 25.24
N ALA D 279 -7.90 25.65 24.74
CA ALA D 279 -8.24 26.89 25.42
C ALA D 279 -8.82 26.62 26.81
N LEU D 280 -9.77 25.70 26.93
CA LEU D 280 -10.44 25.48 28.21
C LEU D 280 -9.45 24.97 29.25
N CYS D 281 -8.49 24.15 28.84
CA CYS D 281 -7.59 23.55 29.82
C CYS D 281 -6.27 24.32 29.99
N PHE D 282 -6.07 25.42 29.28
CA PHE D 282 -4.90 26.26 29.57
C PHE D 282 -5.22 27.71 29.90
N LEU D 283 -6.16 28.35 29.22
CA LEU D 283 -6.45 29.75 29.46
C LEU D 283 -6.87 30.02 30.90
N PRO D 284 -7.77 29.22 31.49
CA PRO D 284 -8.19 29.53 32.87
C PRO D 284 -7.03 29.61 33.85
N PHE D 285 -6.14 28.62 33.86
CA PHE D 285 -5.05 28.63 34.81
C PHE D 285 -4.13 29.82 34.58
N HIS D 286 -3.78 30.09 33.32
CA HIS D 286 -2.81 31.14 33.05
C HIS D 286 -3.37 32.53 33.35
N VAL D 287 -4.66 32.75 33.06
CA VAL D 287 -5.25 34.03 33.42
C VAL D 287 -5.42 34.13 34.94
N THR D 288 -5.82 33.03 35.58
CA THR D 288 -6.08 33.05 37.01
C THR D 288 -4.82 33.34 37.81
N ARG D 289 -3.70 32.73 37.44
CA ARG D 289 -2.47 32.93 38.21
C ARG D 289 -2.06 34.39 38.20
N THR D 290 -2.10 35.04 37.03
CA THR D 290 -1.76 36.46 36.97
C THR D 290 -2.78 37.30 37.72
N LEU D 291 -4.07 36.98 37.56
CA LEU D 291 -5.10 37.76 38.23
C LEU D 291 -5.02 37.62 39.74
N TYR D 292 -4.37 36.55 40.21
CA TYR D 292 -4.29 36.28 41.63
C TYR D 292 -2.98 36.79 42.25
N TYR D 293 -1.91 36.84 41.48
CA TYR D 293 -0.62 37.26 42.04
C TYR D 293 -0.61 38.75 42.36
N SER D 294 -0.77 39.59 41.34
CA SER D 294 -0.60 41.03 41.51
C SER D 294 -1.82 41.87 41.15
N PHE D 295 -2.66 41.42 40.21
CA PHE D 295 -3.85 42.19 39.90
C PHE D 295 -4.77 42.33 41.10
N ARG D 296 -4.62 41.45 42.08
CA ARG D 296 -5.23 41.60 43.41
C ARG D 296 -4.09 41.87 44.39
N SER D 297 -4.13 43.00 45.07
CA SER D 297 -3.11 43.23 46.09
C SER D 297 -3.71 43.44 47.47
N LEU D 298 -4.02 44.69 47.79
CA LEU D 298 -4.56 45.02 49.11
C LEU D 298 -6.02 44.61 49.27
N ASP D 299 -6.77 44.62 48.18
CA ASP D 299 -8.21 44.29 48.26
C ASP D 299 -8.47 43.02 49.07
N LEU D 300 -9.51 43.04 49.91
CA LEU D 300 -9.85 41.85 50.70
C LEU D 300 -11.33 41.41 50.56
N SER D 301 -11.92 41.55 49.38
CA SER D 301 -13.31 41.14 49.19
C SER D 301 -13.31 39.66 49.17
N CYS D 302 -13.88 39.01 50.16
CA CYS D 302 -13.76 37.56 50.27
C CYS D 302 -14.58 36.82 49.22
N HIS D 303 -15.85 37.17 49.09
CA HIS D 303 -16.68 36.53 48.08
C HIS D 303 -15.92 36.49 46.76
N THR D 304 -15.11 37.52 46.52
CA THR D 304 -14.32 37.59 45.29
C THR D 304 -12.93 36.99 45.47
N LEU D 305 -12.36 37.15 46.66
CA LEU D 305 -11.02 36.60 46.93
C LEU D 305 -11.07 35.09 46.89
N ASN D 306 -12.08 34.52 47.53
CA ASN D 306 -12.23 33.07 47.50
C ASN D 306 -12.40 32.67 46.05
N ALA D 307 -13.19 33.43 45.31
CA ALA D 307 -13.37 33.15 43.91
C ALA D 307 -12.01 33.12 43.22
N ILE D 308 -11.28 34.23 43.32
CA ILE D 308 -9.98 34.28 42.65
C ILE D 308 -9.06 33.17 43.11
N ASN D 309 -9.01 32.93 44.41
CA ASN D 309 -8.09 31.93 44.95
C ASN D 309 -8.44 30.51 44.51
N MET D 310 -9.63 30.05 44.86
CA MET D 310 -9.99 28.68 44.53
C MET D 310 -10.10 28.48 43.03
N ALA D 311 -10.34 29.54 42.27
CA ALA D 311 -10.18 29.44 40.83
C ALA D 311 -8.76 28.99 40.50
N TYR D 312 -7.77 29.64 41.11
CA TYR D 312 -6.38 29.21 40.92
C TYR D 312 -6.19 27.75 41.35
N LYS D 313 -6.60 27.44 42.58
CA LYS D 313 -6.30 26.12 43.15
C LYS D 313 -6.95 24.99 42.35
N VAL D 314 -8.22 25.13 41.96
CA VAL D 314 -8.92 24.09 41.21
C VAL D 314 -8.66 24.15 39.71
N THR D 315 -8.12 25.26 39.21
CA THR D 315 -7.67 25.31 37.83
C THR D 315 -6.32 24.63 37.64
N ARG D 316 -5.51 24.53 38.69
CA ARG D 316 -4.31 23.71 38.57
C ARG D 316 -4.63 22.29 38.11
N PRO D 317 -5.55 21.55 38.75
CA PRO D 317 -6.01 20.29 38.14
C PRO D 317 -6.67 20.48 36.79
N LEU D 318 -7.41 21.56 36.60
CA LEU D 318 -7.96 21.84 35.28
C LEU D 318 -6.90 22.17 34.26
N ALA D 319 -5.72 22.63 34.70
CA ALA D 319 -4.58 22.78 33.82
C ALA D 319 -3.91 21.45 33.53
N SER D 320 -4.00 20.49 34.46
CA SER D 320 -3.52 19.14 34.21
C SER D 320 -4.50 18.30 33.40
N ALA D 321 -5.76 18.74 33.28
CA ALA D 321 -6.76 17.94 32.59
C ALA D 321 -6.31 17.57 31.18
N ASN D 322 -6.02 18.57 30.35
CA ASN D 322 -5.65 18.26 28.97
C ASN D 322 -4.33 17.50 28.89
N SER D 323 -3.52 17.53 29.95
CA SER D 323 -2.31 16.71 29.95
C SER D 323 -2.67 15.25 29.72
N CYS D 324 -3.56 14.71 30.55
CA CYS D 324 -3.99 13.32 30.36
C CYS D 324 -4.97 13.17 29.20
N LEU D 325 -5.70 14.23 28.84
CA LEU D 325 -6.72 14.10 27.80
C LEU D 325 -6.17 14.24 26.39
N ASN D 326 -4.94 14.74 26.25
CA ASN D 326 -4.37 14.99 24.92
C ASN D 326 -3.92 13.75 24.15
N PRO D 327 -3.19 12.82 24.80
CA PRO D 327 -2.70 11.69 24.02
C PRO D 327 -3.82 10.94 23.31
N VAL D 328 -4.90 10.66 24.03
CA VAL D 328 -6.02 9.96 23.43
C VAL D 328 -6.66 10.77 22.31
N LEU D 329 -6.94 12.04 22.58
CA LEU D 329 -7.59 12.89 21.57
C LEU D 329 -6.77 12.99 20.30
N TYR D 330 -5.46 12.77 20.40
CA TYR D 330 -4.60 12.94 19.25
C TYR D 330 -4.18 11.62 18.61
N PHE D 331 -4.33 10.49 19.30
CA PHE D 331 -4.10 9.18 18.73
C PHE D 331 -5.39 8.51 18.29
N LEU D 332 -6.55 9.03 18.70
CA LEU D 332 -7.82 8.49 18.25
C LEU D 332 -8.56 9.48 17.36
N GLN E 1 -7.19 -26.91 -15.89
CA GLN E 1 -7.19 -26.25 -17.22
C GLN E 1 -8.57 -25.66 -17.48
N VAL E 2 -8.62 -24.34 -17.63
CA VAL E 2 -9.86 -23.64 -17.92
C VAL E 2 -10.24 -23.86 -19.38
N GLN E 3 -11.51 -24.21 -19.61
CA GLN E 3 -11.99 -24.43 -20.97
C GLN E 3 -13.47 -24.09 -21.00
N LEU E 4 -13.83 -23.08 -21.80
CA LEU E 4 -15.21 -22.63 -21.91
C LEU E 4 -15.68 -22.80 -23.35
N GLN E 5 -16.87 -23.37 -23.51
CA GLN E 5 -17.49 -23.54 -24.82
C GLN E 5 -18.94 -23.12 -24.73
N GLU E 6 -19.46 -22.56 -25.83
CA GLU E 6 -20.83 -22.06 -25.87
C GLU E 6 -21.53 -22.67 -27.07
N SER E 7 -22.87 -22.67 -27.03
CA SER E 7 -23.65 -23.22 -28.12
C SER E 7 -25.04 -22.60 -28.13
N GLY E 8 -25.69 -22.70 -29.29
CA GLY E 8 -27.07 -22.29 -29.45
C GLY E 8 -27.23 -20.87 -29.94
N GLY E 9 -26.45 -20.46 -30.93
CA GLY E 9 -26.55 -19.11 -31.44
C GLY E 9 -26.27 -18.94 -32.92
N GLY E 10 -26.29 -20.03 -33.70
CA GLY E 10 -25.78 -19.96 -35.07
C GLY E 10 -26.56 -18.97 -35.92
N LEU E 11 -27.89 -19.10 -35.95
CA LEU E 11 -28.69 -18.27 -36.85
C LEU E 11 -30.12 -18.17 -36.34
N VAL E 12 -30.66 -16.96 -36.34
CA VAL E 12 -32.05 -16.70 -35.98
C VAL E 12 -32.50 -15.45 -36.74
N GLN E 13 -33.74 -15.47 -37.20
CA GLN E 13 -34.30 -14.35 -37.92
C GLN E 13 -34.42 -13.13 -36.99
N PRO E 14 -34.47 -11.92 -37.54
CA PRO E 14 -34.47 -10.72 -36.68
C PRO E 14 -35.59 -10.72 -35.64
N GLY E 15 -36.76 -11.26 -35.98
CA GLY E 15 -37.84 -11.40 -35.03
C GLY E 15 -37.71 -12.69 -34.24
N GLY E 16 -38.04 -12.62 -32.95
CA GLY E 16 -38.02 -13.76 -32.07
C GLY E 16 -37.08 -13.57 -30.91
N SER E 17 -36.46 -14.66 -30.48
CA SER E 17 -35.55 -14.65 -29.35
C SER E 17 -34.44 -15.67 -29.58
N LEU E 18 -33.35 -15.52 -28.84
CA LEU E 18 -32.24 -16.46 -28.91
C LEU E 18 -31.67 -16.66 -27.51
N ARG E 19 -31.21 -17.88 -27.24
CA ARG E 19 -30.66 -18.26 -25.95
C ARG E 19 -29.21 -18.68 -26.15
N LEU E 20 -28.31 -18.06 -25.40
CA LEU E 20 -26.89 -18.42 -25.42
C LEU E 20 -26.51 -19.02 -24.08
N SER E 21 -25.76 -20.12 -24.12
CA SER E 21 -25.29 -20.80 -22.92
C SER E 21 -23.80 -21.04 -23.07
N CYS E 22 -23.02 -20.67 -22.05
CA CYS E 22 -21.58 -20.86 -22.02
C CYS E 22 -21.25 -21.82 -20.89
N ALA E 23 -20.62 -22.95 -21.23
CA ALA E 23 -20.29 -23.98 -20.25
C ALA E 23 -18.92 -23.70 -19.65
N ALA E 24 -18.80 -23.94 -18.34
CA ALA E 24 -17.59 -23.67 -17.59
C ALA E 24 -17.04 -24.97 -17.02
N SER E 25 -15.72 -25.13 -17.08
CA SER E 25 -15.07 -26.33 -16.56
C SER E 25 -13.65 -25.99 -16.18
N GLY E 26 -13.10 -26.83 -15.29
CA GLY E 26 -11.71 -26.71 -14.88
C GLY E 26 -11.44 -25.74 -13.75
N PHE E 27 -12.46 -25.12 -13.19
CA PHE E 27 -12.25 -24.18 -12.09
C PHE E 27 -13.52 -24.11 -11.24
N THR E 28 -13.36 -23.59 -10.02
CA THR E 28 -14.50 -23.40 -9.15
C THR E 28 -15.38 -22.28 -9.69
N PHE E 29 -16.66 -22.58 -9.89
CA PHE E 29 -17.59 -21.68 -10.57
C PHE E 29 -18.46 -20.90 -9.60
N SER E 30 -17.92 -20.55 -8.44
CA SER E 30 -18.63 -19.71 -7.48
C SER E 30 -17.79 -18.57 -6.95
N ASN E 31 -16.59 -18.35 -7.50
CA ASN E 31 -15.70 -17.30 -7.04
C ASN E 31 -15.37 -16.28 -8.12
N TYR E 32 -15.72 -16.54 -9.38
CA TYR E 32 -15.31 -15.70 -10.50
C TYR E 32 -16.50 -14.99 -11.11
N LYS E 33 -16.29 -13.73 -11.45
CA LYS E 33 -17.29 -12.92 -12.11
C LYS E 33 -17.22 -13.17 -13.62
N MET E 34 -18.33 -13.62 -14.21
CA MET E 34 -18.39 -13.94 -15.63
C MET E 34 -18.97 -12.76 -16.41
N ASN E 35 -18.34 -12.45 -17.54
CA ASN E 35 -18.84 -11.45 -18.46
C ASN E 35 -19.05 -12.10 -19.81
N TRP E 36 -20.00 -11.58 -20.57
CA TRP E 36 -20.14 -11.91 -21.98
C TRP E 36 -19.46 -10.83 -22.81
N VAL E 37 -19.10 -11.17 -24.04
CA VAL E 37 -18.31 -10.30 -24.89
C VAL E 37 -18.68 -10.60 -26.34
N ARG E 38 -18.62 -9.59 -27.19
CA ARG E 38 -18.88 -9.75 -28.61
C ARG E 38 -17.68 -9.31 -29.44
N GLN E 39 -17.73 -9.64 -30.72
CA GLN E 39 -16.83 -9.12 -31.74
C GLN E 39 -17.70 -8.52 -32.84
N ALA E 40 -17.07 -7.86 -33.79
CA ALA E 40 -17.76 -7.36 -34.97
C ALA E 40 -16.87 -7.58 -36.19
N PRO E 41 -17.46 -7.67 -37.39
CA PRO E 41 -16.63 -7.85 -38.59
C PRO E 41 -15.66 -6.70 -38.79
N GLY E 42 -14.37 -6.98 -38.70
CA GLY E 42 -13.37 -5.95 -38.87
C GLY E 42 -13.47 -4.83 -37.86
N LYS E 43 -13.71 -5.17 -36.59
CA LYS E 43 -13.82 -4.17 -35.53
C LYS E 43 -13.25 -4.78 -34.24
N GLY E 44 -13.37 -4.03 -33.15
CA GLY E 44 -12.81 -4.45 -31.88
C GLY E 44 -13.71 -5.44 -31.17
N LEU E 45 -13.29 -5.77 -29.95
CA LEU E 45 -14.01 -6.71 -29.09
C LEU E 45 -14.85 -5.91 -28.11
N GLU E 46 -16.17 -6.06 -28.20
CA GLU E 46 -17.10 -5.25 -27.43
C GLU E 46 -17.22 -5.78 -26.00
N TRP E 47 -18.19 -5.28 -25.26
CA TRP E 47 -18.49 -5.75 -23.92
C TRP E 47 -19.98 -5.58 -23.70
N VAL E 48 -20.63 -6.60 -23.13
CA VAL E 48 -22.08 -6.62 -23.07
C VAL E 48 -22.57 -6.69 -21.63
N SER E 49 -22.25 -7.78 -20.93
CA SER E 49 -22.93 -8.09 -19.68
C SER E 49 -21.90 -8.41 -18.61
N ASP E 50 -22.42 -8.83 -17.45
CA ASP E 50 -21.62 -9.15 -16.28
C ASP E 50 -22.55 -9.69 -15.20
N ILE E 51 -22.01 -10.53 -14.32
CA ILE E 51 -22.75 -11.02 -13.18
C ILE E 51 -21.76 -11.50 -12.13
N SER E 52 -21.95 -11.07 -10.89
CA SER E 52 -21.00 -11.33 -9.83
C SER E 52 -21.10 -12.77 -9.35
N GLN E 53 -20.11 -13.19 -8.56
CA GLN E 53 -20.09 -14.55 -8.04
C GLN E 53 -21.24 -14.80 -7.07
N SER E 54 -21.66 -13.77 -6.33
CA SER E 54 -22.76 -13.97 -5.39
C SER E 54 -24.04 -14.38 -6.10
N GLY E 55 -24.34 -13.73 -7.23
CA GLY E 55 -25.49 -14.11 -8.03
C GLY E 55 -26.31 -12.92 -8.51
N ALA E 56 -26.38 -11.86 -7.70
CA ALA E 56 -27.20 -10.69 -8.02
C ALA E 56 -26.32 -9.43 -7.98
N SER E 57 -25.63 -9.19 -9.10
CA SER E 57 -25.06 -7.88 -9.39
C SER E 57 -24.79 -7.86 -10.89
N ILE E 58 -25.71 -7.26 -11.65
CA ILE E 58 -25.70 -7.36 -13.11
C ILE E 58 -25.44 -5.98 -13.68
N SER E 59 -24.36 -5.86 -14.44
CA SER E 59 -24.05 -4.66 -15.21
C SER E 59 -24.35 -4.92 -16.68
N TYR E 60 -24.41 -3.84 -17.46
CA TYR E 60 -24.76 -3.97 -18.86
C TYR E 60 -24.12 -2.85 -19.67
N THR E 61 -24.06 -3.06 -20.98
CA THR E 61 -23.69 -2.01 -21.91
C THR E 61 -24.95 -1.30 -22.41
N GLY E 62 -24.77 -0.02 -22.77
CA GLY E 62 -25.92 0.79 -23.11
C GLY E 62 -26.72 0.25 -24.29
N SER E 63 -26.02 -0.27 -25.31
CA SER E 63 -26.71 -0.62 -26.54
C SER E 63 -27.75 -1.70 -26.33
N VAL E 64 -27.45 -2.72 -25.52
CA VAL E 64 -28.35 -3.85 -25.32
C VAL E 64 -29.06 -3.78 -23.98
N LYS E 65 -29.02 -2.63 -23.30
CA LYS E 65 -29.72 -2.50 -22.03
C LYS E 65 -31.22 -2.64 -22.25
N GLY E 66 -31.86 -3.48 -21.43
CA GLY E 66 -33.30 -3.61 -21.43
C GLY E 66 -33.85 -4.65 -22.37
N ARG E 67 -33.04 -5.24 -23.25
CA ARG E 67 -33.49 -6.29 -24.16
C ARG E 67 -32.67 -7.55 -24.09
N PHE E 68 -31.66 -7.61 -23.21
CA PHE E 68 -30.85 -8.79 -22.99
C PHE E 68 -30.95 -9.19 -21.52
N THR E 69 -31.03 -10.50 -21.26
CA THR E 69 -31.08 -11.01 -19.89
C THR E 69 -29.94 -12.01 -19.69
N ILE E 70 -29.28 -11.92 -18.55
CA ILE E 70 -28.16 -12.79 -18.19
C ILE E 70 -28.50 -13.50 -16.89
N SER E 71 -28.13 -14.77 -16.81
CA SER E 71 -28.32 -15.55 -15.60
C SER E 71 -27.23 -16.60 -15.51
N ARG E 72 -26.79 -16.88 -14.29
CA ARG E 72 -25.79 -17.89 -14.01
C ARG E 72 -26.32 -18.84 -12.94
N ASP E 73 -25.89 -20.09 -13.02
CA ASP E 73 -26.31 -21.13 -12.08
C ASP E 73 -25.10 -21.82 -11.50
N ASN E 74 -25.01 -21.84 -10.17
CA ASN E 74 -23.99 -22.59 -9.47
C ASN E 74 -24.48 -24.02 -9.21
N ALA E 75 -23.55 -24.91 -8.92
CA ALA E 75 -23.74 -26.35 -8.80
C ALA E 75 -23.98 -27.00 -10.15
N LYS E 76 -24.06 -26.23 -11.23
CA LYS E 76 -24.10 -26.75 -12.60
C LYS E 76 -23.33 -25.72 -13.42
N ASN E 77 -22.06 -26.01 -13.70
CA ASN E 77 -21.14 -24.99 -14.18
C ASN E 77 -21.51 -24.56 -15.60
N THR E 78 -22.28 -23.49 -15.70
CA THR E 78 -22.69 -22.96 -17.00
C THR E 78 -23.09 -21.51 -16.83
N LEU E 79 -23.12 -20.80 -17.95
CA LEU E 79 -23.57 -19.42 -18.01
C LEU E 79 -24.71 -19.31 -19.02
N TYR E 80 -25.41 -18.19 -18.99
CA TYR E 80 -26.52 -17.96 -19.91
C TYR E 80 -26.55 -16.50 -20.32
N LEU E 81 -27.16 -16.24 -21.48
CA LEU E 81 -27.40 -14.87 -21.94
C LEU E 81 -28.67 -14.89 -22.77
N GLN E 82 -29.81 -14.62 -22.13
CA GLN E 82 -31.08 -14.57 -22.84
C GLN E 82 -31.15 -13.32 -23.70
N MET E 83 -31.53 -13.49 -24.97
CA MET E 83 -31.65 -12.40 -25.92
C MET E 83 -33.03 -12.50 -26.55
N ASN E 84 -33.91 -11.54 -26.22
CA ASN E 84 -35.29 -11.55 -26.69
C ASN E 84 -35.63 -10.31 -27.50
N SER E 85 -34.63 -9.67 -28.10
CA SER E 85 -34.86 -8.62 -29.09
C SER E 85 -33.62 -8.53 -29.96
N LEU E 86 -33.70 -9.14 -31.15
CA LEU E 86 -32.55 -9.25 -32.03
C LEU E 86 -32.57 -8.13 -33.06
N LYS E 87 -31.44 -7.46 -33.23
CA LYS E 87 -31.28 -6.39 -34.19
C LYS E 87 -30.10 -6.72 -35.09
N PRO E 88 -30.12 -6.31 -36.37
CA PRO E 88 -29.14 -6.86 -37.31
C PRO E 88 -27.69 -6.61 -36.93
N GLU E 89 -27.37 -5.48 -36.29
CA GLU E 89 -25.98 -5.14 -36.00
C GLU E 89 -25.48 -5.67 -34.66
N ASP E 90 -26.30 -6.43 -33.94
CA ASP E 90 -25.89 -7.09 -32.71
C ASP E 90 -25.67 -8.58 -32.89
N THR E 91 -25.33 -9.02 -34.10
CA THR E 91 -25.32 -10.42 -34.47
C THR E 91 -24.04 -10.79 -35.20
N ALA E 92 -22.89 -10.43 -34.61
CA ALA E 92 -21.60 -10.79 -35.19
C ALA E 92 -21.01 -12.05 -34.56
N VAL E 93 -20.68 -11.99 -33.28
CA VAL E 93 -20.03 -13.09 -32.55
C VAL E 93 -20.23 -12.82 -31.06
N TYR E 94 -20.35 -13.88 -30.26
CA TYR E 94 -20.60 -13.75 -28.83
C TYR E 94 -19.64 -14.66 -28.07
N TYR E 95 -18.51 -14.12 -27.66
CA TYR E 95 -17.57 -14.84 -26.82
C TYR E 95 -18.12 -14.98 -25.40
N CYS E 96 -17.45 -15.80 -24.61
CA CYS E 96 -17.73 -15.96 -23.19
C CYS E 96 -16.42 -15.80 -22.43
N ALA E 97 -16.42 -14.97 -21.40
CA ALA E 97 -15.19 -14.58 -20.73
C ALA E 97 -15.37 -14.63 -19.23
N ARG E 98 -14.26 -14.77 -18.53
CA ARG E 98 -14.22 -14.86 -17.07
C ARG E 98 -13.25 -13.83 -16.52
N CYS E 99 -13.64 -13.21 -15.41
CA CYS E 99 -12.76 -12.25 -14.76
C CYS E 99 -11.56 -12.99 -14.17
N PRO E 100 -10.34 -12.47 -14.36
CA PRO E 100 -9.15 -13.29 -14.03
C PRO E 100 -9.08 -13.78 -12.60
N ALA E 101 -9.42 -12.94 -11.63
CA ALA E 101 -9.12 -13.25 -10.23
C ALA E 101 -10.39 -13.58 -9.46
N PRO E 102 -10.35 -14.53 -8.53
CA PRO E 102 -11.51 -14.81 -7.68
C PRO E 102 -11.55 -13.91 -6.46
N PHE E 103 -12.73 -13.85 -5.84
CA PHE E 103 -12.95 -12.98 -4.68
C PHE E 103 -12.53 -11.55 -4.98
N THR E 104 -12.82 -11.11 -6.20
CA THR E 104 -12.42 -9.76 -6.61
C THR E 104 -13.21 -9.37 -7.85
N PRO E 105 -13.88 -8.21 -7.81
CA PRO E 105 -14.71 -7.78 -8.94
C PRO E 105 -13.90 -7.01 -9.98
N PHE E 106 -12.59 -6.90 -9.79
CA PHE E 106 -11.76 -6.13 -10.71
C PHE E 106 -11.37 -6.93 -11.94
N CYS E 107 -12.01 -6.64 -13.07
CA CYS E 107 -11.66 -7.32 -14.32
C CYS E 107 -11.12 -6.28 -15.29
N PHE E 108 -9.97 -6.55 -15.89
CA PHE E 108 -9.36 -5.56 -16.77
C PHE E 108 -9.22 -6.03 -18.21
N ASP E 109 -8.87 -7.29 -18.42
CA ASP E 109 -8.65 -7.76 -19.78
C ASP E 109 -9.75 -8.68 -20.27
N VAL E 110 -10.98 -8.52 -19.77
CA VAL E 110 -12.06 -9.37 -20.23
C VAL E 110 -12.37 -9.13 -21.71
N THR E 111 -11.89 -8.03 -22.28
CA THR E 111 -12.10 -7.73 -23.69
C THR E 111 -10.79 -7.54 -24.44
N SER E 112 -9.68 -8.05 -23.90
CA SER E 112 -8.40 -7.96 -24.59
C SER E 112 -8.43 -8.79 -25.87
N THR E 113 -7.63 -8.38 -26.85
CA THR E 113 -7.61 -9.07 -28.13
C THR E 113 -7.09 -10.50 -28.01
N THR E 114 -6.17 -10.76 -27.08
CA THR E 114 -5.62 -12.11 -26.86
C THR E 114 -5.73 -12.42 -25.37
N TYR E 115 -6.85 -13.02 -24.99
CA TYR E 115 -7.16 -13.36 -23.61
C TYR E 115 -7.04 -14.86 -23.41
N ALA E 116 -6.83 -15.27 -22.17
CA ALA E 116 -6.54 -16.66 -21.85
C ALA E 116 -7.74 -17.43 -21.32
N TYR E 117 -8.63 -16.76 -20.60
CA TYR E 117 -9.79 -17.41 -19.99
C TYR E 117 -11.08 -17.11 -20.75
N ARG E 118 -10.98 -16.95 -22.06
CA ARG E 118 -12.12 -16.69 -22.91
C ARG E 118 -12.52 -17.95 -23.67
N GLY E 119 -13.82 -18.13 -23.85
CA GLY E 119 -14.31 -19.26 -24.60
C GLY E 119 -13.95 -19.15 -26.07
N GLN E 120 -14.09 -20.28 -26.77
CA GLN E 120 -13.79 -20.30 -28.20
C GLN E 120 -14.70 -19.36 -28.99
N GLY E 121 -15.86 -19.01 -28.44
CA GLY E 121 -16.75 -18.07 -29.09
C GLY E 121 -17.71 -18.75 -30.05
N THR E 122 -18.97 -18.34 -30.01
CA THR E 122 -20.02 -18.94 -30.83
C THR E 122 -20.47 -17.93 -31.89
N GLN E 123 -20.42 -18.34 -33.15
CA GLN E 123 -20.80 -17.48 -34.24
C GLN E 123 -22.30 -17.18 -34.17
N VAL E 124 -22.67 -15.91 -34.28
CA VAL E 124 -24.06 -15.47 -34.25
C VAL E 124 -24.31 -14.62 -35.49
N THR E 125 -25.40 -14.92 -36.20
CA THR E 125 -25.77 -14.20 -37.40
C THR E 125 -27.26 -13.88 -37.35
N VAL E 126 -27.65 -12.84 -38.08
CA VAL E 126 -29.04 -12.42 -38.13
C VAL E 126 -29.40 -11.88 -39.50
#